data_2EQ1
#
_entry.id   2EQ1
#
loop_
_entity.id
_entity.type
_entity.pdbx_description
1 polymer 'Zinc finger protein 347'
2 non-polymer 'ZINC ION'
#
_entity_poly.entity_id   1
_entity_poly.type   'polypeptide(L)'
_entity_poly.pdbx_seq_one_letter_code
;GSSGSSGTGEKPYKCNECGKAFRAHSNLTTHQVIHTGEKPSGPSSG
;
_entity_poly.pdbx_strand_id   A
#
# COMPACT_ATOMS: atom_id res chain seq x y z
N GLY A 1 -27.20 -23.11 9.47
CA GLY A 1 -26.17 -22.08 9.51
C GLY A 1 -24.80 -22.63 9.20
N SER A 2 -23.87 -21.73 8.86
CA SER A 2 -22.51 -22.14 8.54
C SER A 2 -21.52 -21.58 9.57
N SER A 3 -20.29 -22.08 9.52
CA SER A 3 -19.25 -21.65 10.45
C SER A 3 -17.91 -22.29 10.11
N GLY A 4 -16.85 -21.48 10.14
CA GLY A 4 -15.53 -21.98 9.82
C GLY A 4 -14.82 -21.13 8.79
N SER A 5 -13.79 -20.40 9.23
CA SER A 5 -13.03 -19.54 8.34
C SER A 5 -11.61 -19.33 8.87
N SER A 6 -10.63 -19.69 8.05
CA SER A 6 -9.23 -19.54 8.43
C SER A 6 -8.67 -18.21 7.96
N GLY A 7 -8.06 -17.46 8.87
CA GLY A 7 -7.49 -16.17 8.53
C GLY A 7 -6.00 -16.24 8.27
N THR A 8 -5.62 -16.26 7.00
CA THR A 8 -4.22 -16.33 6.61
C THR A 8 -3.71 -14.97 6.15
N GLY A 9 -2.40 -14.78 6.27
CA GLY A 9 -1.80 -13.52 5.84
C GLY A 9 -1.05 -13.64 4.54
N GLU A 10 -1.77 -13.90 3.46
CA GLU A 10 -1.17 -14.05 2.14
C GLU A 10 -0.91 -12.68 1.52
N LYS A 11 -1.70 -11.68 1.92
CA LYS A 11 -1.56 -10.33 1.39
C LYS A 11 -1.18 -9.36 2.51
N PRO A 12 0.07 -9.47 2.99
CA PRO A 12 0.59 -8.61 4.06
C PRO A 12 0.79 -7.18 3.59
N TYR A 13 0.86 -6.98 2.28
CA TYR A 13 1.05 -5.66 1.71
C TYR A 13 -0.27 -5.09 1.20
N LYS A 14 -0.62 -3.91 1.70
CA LYS A 14 -1.85 -3.24 1.30
C LYS A 14 -1.65 -1.72 1.19
N CYS A 15 -1.62 -1.22 -0.04
CA CYS A 15 -1.43 0.20 -0.28
C CYS A 15 -2.54 1.01 0.41
N ASN A 16 -2.15 1.77 1.43
CA ASN A 16 -3.10 2.60 2.17
C ASN A 16 -3.08 4.04 1.67
N GLU A 17 -3.02 4.19 0.35
CA GLU A 17 -3.00 5.52 -0.25
C GLU A 17 -4.09 5.67 -1.31
N CYS A 18 -4.29 4.61 -2.10
CA CYS A 18 -5.30 4.61 -3.15
C CYS A 18 -6.36 3.55 -2.87
N GLY A 19 -5.96 2.48 -2.21
CA GLY A 19 -6.89 1.41 -1.89
C GLY A 19 -6.66 0.18 -2.75
N LYS A 20 -5.50 -0.44 -2.59
CA LYS A 20 -5.16 -1.64 -3.34
C LYS A 20 -4.58 -2.72 -2.43
N ALA A 21 -4.25 -3.87 -3.01
CA ALA A 21 -3.70 -4.98 -2.26
C ALA A 21 -2.86 -5.89 -3.15
N PHE A 22 -1.61 -6.10 -2.77
CA PHE A 22 -0.71 -6.96 -3.53
C PHE A 22 -0.33 -8.20 -2.74
N ARG A 23 0.57 -9.00 -3.30
CA ARG A 23 1.02 -10.22 -2.65
C ARG A 23 2.50 -10.12 -2.26
N ALA A 24 3.33 -9.75 -3.22
CA ALA A 24 4.76 -9.62 -2.98
C ALA A 24 5.13 -8.19 -2.62
N HIS A 25 6.37 -7.98 -2.20
CA HIS A 25 6.85 -6.66 -1.82
C HIS A 25 7.25 -5.85 -3.06
N SER A 26 7.96 -6.51 -3.98
CA SER A 26 8.42 -5.86 -5.20
C SER A 26 7.25 -5.19 -5.92
N ASN A 27 6.08 -5.83 -5.88
CA ASN A 27 4.89 -5.30 -6.51
C ASN A 27 4.44 -4.01 -5.85
N LEU A 28 4.51 -3.97 -4.53
CA LEU A 28 4.12 -2.79 -3.77
C LEU A 28 5.03 -1.62 -4.07
N THR A 29 6.33 -1.81 -3.88
CA THR A 29 7.31 -0.76 -4.14
C THR A 29 7.13 -0.18 -5.54
N THR A 30 6.98 -1.05 -6.52
CA THR A 30 6.81 -0.63 -7.91
C THR A 30 5.55 0.21 -8.07
N HIS A 31 4.59 0.01 -7.17
CA HIS A 31 3.33 0.76 -7.21
C HIS A 31 3.44 2.04 -6.39
N GLN A 32 4.37 2.06 -5.45
CA GLN A 32 4.57 3.23 -4.59
C GLN A 32 5.11 4.41 -5.40
N VAL A 33 5.54 4.14 -6.62
CA VAL A 33 6.08 5.17 -7.50
C VAL A 33 5.11 6.35 -7.60
N ILE A 34 3.91 6.08 -8.13
CA ILE A 34 2.90 7.12 -8.29
C ILE A 34 2.67 7.86 -6.97
N HIS A 35 2.86 7.15 -5.86
CA HIS A 35 2.67 7.74 -4.54
C HIS A 35 3.99 8.28 -4.00
N THR A 36 4.77 8.92 -4.86
CA THR A 36 6.05 9.49 -4.47
C THR A 36 5.87 10.84 -3.79
N GLY A 37 6.46 10.99 -2.60
CA GLY A 37 6.35 12.23 -1.86
C GLY A 37 7.16 13.35 -2.49
N GLU A 38 7.40 14.41 -1.73
CA GLU A 38 8.17 15.54 -2.22
C GLU A 38 9.49 15.66 -1.49
N LYS A 39 10.56 15.16 -2.10
CA LYS A 39 11.89 15.21 -1.52
C LYS A 39 11.89 14.58 -0.13
N PRO A 40 11.78 13.25 -0.08
CA PRO A 40 11.76 12.50 1.18
C PRO A 40 13.13 12.50 1.87
N SER A 41 14.18 12.36 1.09
CA SER A 41 15.54 12.34 1.63
C SER A 41 15.86 13.66 2.32
N GLY A 42 16.19 13.59 3.61
CA GLY A 42 16.51 14.78 4.36
C GLY A 42 15.35 15.28 5.20
N PRO A 43 15.57 16.40 5.91
CA PRO A 43 14.54 17.00 6.77
C PRO A 43 13.40 17.62 5.96
N SER A 44 12.44 18.19 6.67
CA SER A 44 11.29 18.81 6.02
C SER A 44 11.73 19.99 5.16
N SER A 45 12.77 20.69 5.61
CA SER A 45 13.28 21.85 4.89
C SER A 45 12.21 22.93 4.75
N GLY A 46 11.29 22.96 5.70
CA GLY A 46 10.21 23.95 5.67
C GLY A 46 10.35 24.99 6.76
N GLY A 1 -24.21 -20.12 11.42
CA GLY A 1 -24.67 -19.61 10.14
C GLY A 1 -23.54 -19.02 9.32
N SER A 2 -22.75 -19.88 8.70
CA SER A 2 -21.62 -19.43 7.88
C SER A 2 -21.66 -20.08 6.50
N SER A 3 -21.11 -19.39 5.51
CA SER A 3 -21.08 -19.89 4.15
C SER A 3 -19.82 -19.43 3.43
N GLY A 4 -19.28 -20.31 2.57
CA GLY A 4 -18.07 -19.99 1.84
C GLY A 4 -16.93 -19.58 2.75
N SER A 5 -16.23 -20.57 3.31
CA SER A 5 -15.12 -20.30 4.20
C SER A 5 -13.92 -19.75 3.43
N SER A 6 -13.89 -18.43 3.27
CA SER A 6 -12.81 -17.78 2.55
C SER A 6 -11.59 -17.58 3.45
N GLY A 7 -10.90 -18.67 3.76
CA GLY A 7 -9.73 -18.61 4.61
C GLY A 7 -8.45 -18.42 3.82
N THR A 8 -8.22 -19.30 2.86
CA THR A 8 -7.02 -19.24 2.03
C THR A 8 -6.93 -17.90 1.29
N GLY A 9 -5.78 -17.24 1.40
CA GLY A 9 -5.59 -15.96 0.75
C GLY A 9 -4.90 -14.95 1.64
N GLU A 10 -3.58 -14.84 1.48
CA GLU A 10 -2.80 -13.91 2.28
C GLU A 10 -2.51 -12.62 1.50
N LYS A 11 -2.28 -11.54 2.23
CA LYS A 11 -2.00 -10.24 1.60
C LYS A 11 -1.52 -9.24 2.64
N PRO A 12 -0.28 -9.43 3.12
CA PRO A 12 0.33 -8.54 4.12
C PRO A 12 0.66 -7.17 3.55
N TYR A 13 0.71 -7.08 2.23
CA TYR A 13 1.02 -5.83 1.56
C TYR A 13 -0.23 -5.23 0.92
N LYS A 14 -0.60 -4.04 1.39
CA LYS A 14 -1.78 -3.35 0.86
C LYS A 14 -1.55 -1.84 0.83
N CYS A 15 -1.58 -1.28 -0.38
CA CYS A 15 -1.39 0.15 -0.56
C CYS A 15 -2.37 0.95 0.28
N ASN A 16 -1.85 1.78 1.18
CA ASN A 16 -2.70 2.60 2.05
C ASN A 16 -2.74 4.05 1.54
N GLU A 17 -2.76 4.21 0.24
CA GLU A 17 -2.80 5.54 -0.37
C GLU A 17 -4.01 5.69 -1.29
N CYS A 18 -4.22 4.68 -2.13
CA CYS A 18 -5.34 4.70 -3.07
C CYS A 18 -6.35 3.59 -2.74
N GLY A 19 -5.84 2.50 -2.15
CA GLY A 19 -6.71 1.40 -1.79
C GLY A 19 -6.50 0.19 -2.68
N LYS A 20 -5.41 -0.54 -2.45
CA LYS A 20 -5.10 -1.72 -3.23
C LYS A 20 -4.60 -2.85 -2.34
N ALA A 21 -4.28 -3.99 -2.96
CA ALA A 21 -3.78 -5.14 -2.22
C ALA A 21 -2.86 -6.00 -3.09
N PHE A 22 -1.63 -6.18 -2.62
CA PHE A 22 -0.65 -6.97 -3.36
C PHE A 22 -0.20 -8.18 -2.55
N ARG A 23 0.60 -9.05 -3.16
CA ARG A 23 1.09 -10.25 -2.49
C ARG A 23 2.60 -10.17 -2.30
N ALA A 24 3.30 -9.67 -3.30
CA ALA A 24 4.75 -9.55 -3.24
C ALA A 24 5.17 -8.11 -2.94
N HIS A 25 6.18 -7.95 -2.09
CA HIS A 25 6.68 -6.63 -1.73
C HIS A 25 7.20 -5.89 -2.95
N SER A 26 7.81 -6.64 -3.87
CA SER A 26 8.38 -6.05 -5.08
C SER A 26 7.30 -5.32 -5.87
N ASN A 27 6.05 -5.75 -5.72
CA ASN A 27 4.93 -5.14 -6.42
C ASN A 27 4.52 -3.84 -5.74
N LEU A 28 4.45 -3.87 -4.42
CA LEU A 28 4.06 -2.69 -3.65
C LEU A 28 5.03 -1.53 -3.90
N THR A 29 6.32 -1.83 -3.84
CA THR A 29 7.34 -0.81 -4.07
C THR A 29 7.21 -0.19 -5.45
N THR A 30 6.91 -1.03 -6.44
CA THR A 30 6.76 -0.55 -7.81
C THR A 30 5.49 0.29 -7.97
N HIS A 31 4.51 0.04 -7.10
CA HIS A 31 3.26 0.79 -7.14
C HIS A 31 3.36 2.08 -6.33
N GLN A 32 4.30 2.11 -5.40
CA GLN A 32 4.51 3.28 -4.56
C GLN A 32 5.02 4.46 -5.39
N VAL A 33 5.46 4.17 -6.61
CA VAL A 33 5.98 5.20 -7.50
C VAL A 33 5.02 6.37 -7.61
N ILE A 34 3.82 6.11 -8.13
CA ILE A 34 2.80 7.13 -8.29
C ILE A 34 2.58 7.88 -6.98
N HIS A 35 2.79 7.20 -5.86
CA HIS A 35 2.62 7.81 -4.54
C HIS A 35 3.94 8.36 -4.03
N THR A 36 4.69 8.99 -4.91
CA THR A 36 5.99 9.56 -4.53
C THR A 36 5.81 10.92 -3.86
N GLY A 37 5.03 11.79 -4.47
CA GLY A 37 4.79 13.10 -3.91
C GLY A 37 3.42 13.23 -3.26
N GLU A 38 3.21 12.44 -2.21
CA GLU A 38 1.92 12.46 -1.50
C GLU A 38 1.72 13.79 -0.80
N LYS A 39 0.48 14.26 -0.79
CA LYS A 39 0.14 15.53 -0.14
C LYS A 39 -1.34 15.58 0.23
N PRO A 40 -1.72 14.82 1.26
CA PRO A 40 -3.11 14.75 1.74
C PRO A 40 -3.54 16.06 2.40
N SER A 41 -4.85 16.30 2.40
CA SER A 41 -5.39 17.51 3.00
C SER A 41 -6.81 17.26 3.53
N GLY A 42 -7.03 17.64 4.78
CA GLY A 42 -8.34 17.45 5.39
C GLY A 42 -8.29 17.57 6.90
N PRO A 43 -9.47 17.45 7.55
CA PRO A 43 -9.59 17.55 9.00
C PRO A 43 -8.97 16.34 9.72
N SER A 44 -8.82 15.24 8.98
CA SER A 44 -8.25 14.02 9.55
C SER A 44 -6.79 14.25 9.95
N SER A 45 -6.55 14.42 11.24
CA SER A 45 -5.21 14.65 11.76
C SER A 45 -4.53 13.33 12.11
N GLY A 46 -3.22 13.37 12.31
CA GLY A 46 -2.48 12.18 12.66
C GLY A 46 -3.00 11.52 13.93
N GLY A 1 -16.96 -17.65 21.91
CA GLY A 1 -16.96 -17.99 20.50
C GLY A 1 -16.55 -16.82 19.63
N SER A 2 -15.85 -17.11 18.54
CA SER A 2 -15.41 -16.07 17.62
C SER A 2 -15.87 -16.37 16.19
N SER A 3 -16.91 -15.65 15.76
CA SER A 3 -17.45 -15.84 14.42
C SER A 3 -16.67 -15.03 13.39
N GLY A 4 -15.46 -15.48 13.07
CA GLY A 4 -14.64 -14.79 12.11
C GLY A 4 -14.51 -15.52 10.79
N SER A 5 -14.03 -14.84 9.76
CA SER A 5 -13.88 -15.44 8.45
C SER A 5 -12.54 -16.20 8.35
N SER A 6 -12.63 -17.52 8.39
CA SER A 6 -11.44 -18.37 8.30
C SER A 6 -11.43 -19.17 7.01
N GLY A 7 -10.71 -18.66 6.00
CA GLY A 7 -10.64 -19.34 4.72
C GLY A 7 -9.28 -19.19 4.07
N THR A 8 -9.03 -18.02 3.51
CA THR A 8 -7.76 -17.74 2.84
C THR A 8 -7.61 -16.26 2.54
N GLY A 9 -6.37 -15.77 2.61
CA GLY A 9 -6.11 -14.37 2.33
C GLY A 9 -4.76 -13.91 2.87
N GLU A 10 -3.72 -14.13 2.07
CA GLU A 10 -2.36 -13.74 2.47
C GLU A 10 -1.87 -12.57 1.62
N LYS A 11 -2.10 -11.36 2.10
CA LYS A 11 -1.67 -10.17 1.39
C LYS A 11 -1.41 -9.01 2.37
N PRO A 12 -0.31 -9.13 3.12
CA PRO A 12 0.09 -8.11 4.11
C PRO A 12 0.55 -6.82 3.44
N TYR A 13 1.00 -6.92 2.19
CA TYR A 13 1.47 -5.76 1.45
C TYR A 13 0.34 -5.12 0.65
N LYS A 14 -0.39 -4.21 1.29
CA LYS A 14 -1.51 -3.53 0.63
C LYS A 14 -1.30 -2.02 0.66
N CYS A 15 -1.58 -1.37 -0.47
CA CYS A 15 -1.44 0.08 -0.57
C CYS A 15 -2.50 0.79 0.25
N ASN A 16 -2.07 1.52 1.27
CA ASN A 16 -2.99 2.27 2.13
C ASN A 16 -3.02 3.74 1.76
N GLU A 17 -2.90 4.02 0.47
CA GLU A 17 -2.92 5.40 -0.02
C GLU A 17 -4.05 5.61 -1.03
N CYS A 18 -4.20 4.65 -1.94
CA CYS A 18 -5.24 4.72 -2.96
C CYS A 18 -6.27 3.62 -2.76
N GLY A 19 -5.84 2.50 -2.21
CA GLY A 19 -6.74 1.39 -1.98
C GLY A 19 -6.46 0.21 -2.88
N LYS A 20 -5.43 -0.56 -2.53
CA LYS A 20 -5.06 -1.74 -3.33
C LYS A 20 -4.57 -2.86 -2.43
N ALA A 21 -4.25 -4.00 -3.04
CA ALA A 21 -3.77 -5.15 -2.30
C ALA A 21 -2.80 -5.98 -3.13
N PHE A 22 -1.61 -6.21 -2.59
CA PHE A 22 -0.58 -6.98 -3.28
C PHE A 22 -0.12 -8.16 -2.43
N ARG A 23 0.58 -9.09 -3.07
CA ARG A 23 1.08 -10.27 -2.36
C ARG A 23 2.60 -10.21 -2.20
N ALA A 24 3.27 -9.66 -3.20
CA ALA A 24 4.73 -9.53 -3.16
C ALA A 24 5.14 -8.08 -2.90
N HIS A 25 6.03 -7.90 -1.92
CA HIS A 25 6.51 -6.57 -1.56
C HIS A 25 7.07 -5.85 -2.79
N SER A 26 7.58 -6.63 -3.75
CA SER A 26 8.15 -6.07 -4.96
C SER A 26 7.09 -5.34 -5.78
N ASN A 27 5.85 -5.79 -5.65
CA ASN A 27 4.74 -5.18 -6.38
C ASN A 27 4.30 -3.88 -5.71
N LEU A 28 4.43 -3.83 -4.39
CA LEU A 28 4.04 -2.65 -3.62
C LEU A 28 4.95 -1.47 -3.94
N THR A 29 6.26 -1.71 -3.91
CA THR A 29 7.23 -0.68 -4.20
C THR A 29 7.02 -0.10 -5.59
N THR A 30 6.94 -0.98 -6.58
CA THR A 30 6.74 -0.56 -7.96
C THR A 30 5.47 0.29 -8.11
N HIS A 31 4.51 0.07 -7.22
CA HIS A 31 3.26 0.81 -7.24
C HIS A 31 3.37 2.09 -6.42
N GLN A 32 4.31 2.10 -5.48
CA GLN A 32 4.51 3.26 -4.62
C GLN A 32 5.07 4.44 -5.41
N VAL A 33 5.50 4.17 -6.64
CA VAL A 33 6.05 5.21 -7.51
C VAL A 33 5.10 6.40 -7.60
N ILE A 34 3.89 6.15 -8.12
CA ILE A 34 2.90 7.20 -8.25
C ILE A 34 2.69 7.95 -6.95
N HIS A 35 2.90 7.25 -5.84
CA HIS A 35 2.74 7.84 -4.51
C HIS A 35 4.08 8.37 -4.00
N THR A 36 4.85 8.99 -4.88
CA THR A 36 6.14 9.55 -4.51
C THR A 36 6.02 10.99 -4.02
N GLY A 37 6.76 11.32 -2.97
CA GLY A 37 6.71 12.67 -2.43
C GLY A 37 7.73 12.88 -1.34
N GLU A 38 7.34 12.58 -0.09
CA GLU A 38 8.23 12.75 1.05
C GLU A 38 8.32 11.46 1.86
N LYS A 39 9.30 11.40 2.75
CA LYS A 39 9.49 10.22 3.59
C LYS A 39 9.61 10.62 5.07
N PRO A 40 8.48 11.01 5.67
CA PRO A 40 8.42 11.42 7.07
C PRO A 40 8.65 10.25 8.03
N SER A 41 9.91 9.96 8.33
CA SER A 41 10.25 8.87 9.23
C SER A 41 10.53 9.38 10.63
N GLY A 42 9.69 8.99 11.58
CA GLY A 42 9.87 9.42 12.96
C GLY A 42 8.58 9.91 13.58
N PRO A 43 8.63 10.24 14.88
CA PRO A 43 7.47 10.74 15.62
C PRO A 43 7.05 12.14 15.18
N SER A 44 5.75 12.33 14.97
CA SER A 44 5.23 13.63 14.55
C SER A 44 5.51 14.70 15.61
N SER A 45 5.01 15.90 15.36
CA SER A 45 5.21 17.02 16.28
C SER A 45 3.95 17.28 17.10
N GLY A 46 3.36 16.22 17.62
CA GLY A 46 2.15 16.35 18.41
C GLY A 46 1.64 15.03 18.95
N GLY A 1 -10.92 -17.64 26.88
CA GLY A 1 -11.15 -16.88 25.67
C GLY A 1 -11.03 -17.72 24.42
N SER A 2 -12.16 -17.97 23.77
CA SER A 2 -12.17 -18.78 22.55
C SER A 2 -12.16 -17.89 21.31
N SER A 3 -11.20 -18.11 20.43
CA SER A 3 -11.08 -17.33 19.21
C SER A 3 -10.88 -18.24 17.99
N GLY A 4 -11.46 -17.85 16.87
CA GLY A 4 -11.33 -18.64 15.66
C GLY A 4 -9.95 -18.50 15.03
N SER A 5 -9.84 -18.92 13.77
CA SER A 5 -8.57 -18.84 13.05
C SER A 5 -8.69 -17.91 11.85
N SER A 6 -7.53 -17.49 11.33
CA SER A 6 -7.50 -16.59 10.19
C SER A 6 -7.26 -17.36 8.89
N GLY A 7 -8.04 -17.03 7.86
CA GLY A 7 -7.90 -17.71 6.59
C GLY A 7 -8.62 -16.98 5.46
N THR A 8 -8.18 -15.75 5.18
CA THR A 8 -8.80 -14.95 4.13
C THR A 8 -7.90 -14.88 2.90
N GLY A 9 -6.59 -14.93 3.12
CA GLY A 9 -5.64 -14.88 2.03
C GLY A 9 -4.30 -14.31 2.44
N GLU A 10 -3.32 -14.39 1.55
CA GLU A 10 -1.98 -13.87 1.82
C GLU A 10 -1.74 -12.56 1.09
N LYS A 11 -1.64 -11.48 1.86
CA LYS A 11 -1.41 -10.15 1.29
C LYS A 11 -1.07 -9.14 2.38
N PRO A 12 0.11 -9.30 2.99
CA PRO A 12 0.59 -8.41 4.04
C PRO A 12 0.92 -7.02 3.52
N TYR A 13 1.12 -6.91 2.21
CA TYR A 13 1.45 -5.63 1.60
C TYR A 13 0.24 -5.06 0.86
N LYS A 14 -0.38 -4.05 1.46
CA LYS A 14 -1.55 -3.42 0.86
C LYS A 14 -1.39 -1.89 0.85
N CYS A 15 -1.60 -1.29 -0.32
CA CYS A 15 -1.48 0.16 -0.46
C CYS A 15 -2.63 0.87 0.24
N ASN A 16 -2.31 1.57 1.33
CA ASN A 16 -3.32 2.30 2.09
C ASN A 16 -3.36 3.76 1.68
N GLU A 17 -3.00 4.03 0.42
CA GLU A 17 -3.01 5.39 -0.09
C GLU A 17 -4.10 5.58 -1.13
N CYS A 18 -4.25 4.59 -2.02
CA CYS A 18 -5.26 4.64 -3.06
C CYS A 18 -6.34 3.59 -2.83
N GLY A 19 -5.96 2.49 -2.20
CA GLY A 19 -6.90 1.42 -1.93
C GLY A 19 -6.64 0.18 -2.78
N LYS A 20 -5.50 -0.46 -2.55
CA LYS A 20 -5.13 -1.66 -3.29
C LYS A 20 -4.57 -2.73 -2.36
N ALA A 21 -4.26 -3.89 -2.92
CA ALA A 21 -3.71 -5.00 -2.14
C ALA A 21 -2.86 -5.91 -3.02
N PHE A 22 -1.61 -6.11 -2.61
CA PHE A 22 -0.69 -6.96 -3.34
C PHE A 22 -0.24 -8.15 -2.51
N ARG A 23 0.27 -9.18 -3.16
CA ARG A 23 0.74 -10.38 -2.47
C ARG A 23 2.25 -10.34 -2.28
N ALA A 24 2.95 -9.70 -3.21
CA ALA A 24 4.40 -9.60 -3.15
C ALA A 24 4.83 -8.19 -2.73
N HIS A 25 6.07 -8.07 -2.28
CA HIS A 25 6.59 -6.78 -1.85
C HIS A 25 7.12 -5.99 -3.04
N SER A 26 7.81 -6.68 -3.94
CA SER A 26 8.37 -6.04 -5.13
C SER A 26 7.29 -5.31 -5.93
N ASN A 27 6.06 -5.80 -5.81
CA ASN A 27 4.93 -5.20 -6.52
C ASN A 27 4.48 -3.91 -5.83
N LEU A 28 4.57 -3.90 -4.49
CA LEU A 28 4.17 -2.74 -3.72
C LEU A 28 5.11 -1.57 -3.96
N THR A 29 6.40 -1.81 -3.75
CA THR A 29 7.41 -0.77 -3.94
C THR A 29 7.29 -0.13 -5.32
N THR A 30 7.06 -0.97 -6.34
CA THR A 30 6.93 -0.48 -7.70
C THR A 30 5.65 0.33 -7.86
N HIS A 31 4.66 0.07 -7.01
CA HIS A 31 3.39 0.78 -7.07
C HIS A 31 3.47 2.09 -6.29
N GLN A 32 4.40 2.16 -5.36
CA GLN A 32 4.58 3.37 -4.55
C GLN A 32 5.11 4.52 -5.40
N VAL A 33 5.55 4.21 -6.61
CA VAL A 33 6.07 5.22 -7.52
C VAL A 33 5.10 6.39 -7.66
N ILE A 34 3.90 6.09 -8.16
CA ILE A 34 2.88 7.11 -8.35
C ILE A 34 2.66 7.91 -7.07
N HIS A 35 2.88 7.26 -5.92
CA HIS A 35 2.70 7.91 -4.63
C HIS A 35 4.03 8.49 -4.13
N THR A 36 4.78 9.10 -5.05
CA THR A 36 6.07 9.69 -4.70
C THR A 36 5.90 11.06 -4.07
N GLY A 37 6.98 11.59 -3.50
CA GLY A 37 6.91 12.90 -2.87
C GLY A 37 7.04 14.03 -3.87
N GLU A 38 5.91 14.56 -4.31
CA GLU A 38 5.92 15.65 -5.28
C GLU A 38 5.73 17.00 -4.58
N LYS A 39 4.94 16.99 -3.51
CA LYS A 39 4.68 18.22 -2.74
C LYS A 39 4.83 17.96 -1.25
N PRO A 40 6.08 17.72 -0.81
CA PRO A 40 6.38 17.46 0.60
C PRO A 40 6.21 18.70 1.47
N SER A 41 5.31 18.63 2.44
CA SER A 41 5.05 19.75 3.33
C SER A 41 5.98 19.72 4.52
N GLY A 42 5.96 20.78 5.33
CA GLY A 42 6.82 20.85 6.49
C GLY A 42 6.27 20.05 7.66
N PRO A 43 6.94 20.17 8.82
CA PRO A 43 6.54 19.46 10.04
C PRO A 43 5.24 20.00 10.63
N SER A 44 4.38 19.09 11.09
CA SER A 44 3.10 19.47 11.66
C SER A 44 3.10 19.25 13.18
N SER A 45 2.74 20.28 13.92
CA SER A 45 2.70 20.20 15.38
C SER A 45 4.05 19.74 15.93
N GLY A 46 5.11 20.06 15.21
CA GLY A 46 6.44 19.67 15.64
C GLY A 46 7.51 20.63 15.16
N GLY A 1 -9.99 -22.16 22.69
CA GLY A 1 -10.96 -21.13 23.01
C GLY A 1 -11.35 -20.30 21.82
N SER A 2 -11.85 -19.09 22.07
CA SER A 2 -12.26 -18.19 21.00
C SER A 2 -11.40 -16.92 20.99
N SER A 3 -10.25 -17.00 20.34
CA SER A 3 -9.33 -15.88 20.27
C SER A 3 -8.57 -15.88 18.94
N GLY A 4 -7.79 -14.83 18.71
CA GLY A 4 -7.03 -14.72 17.49
C GLY A 4 -5.55 -14.98 17.71
N SER A 5 -5.21 -16.24 18.03
CA SER A 5 -3.83 -16.61 18.27
C SER A 5 -3.14 -17.01 16.97
N SER A 6 -3.85 -17.76 16.14
CA SER A 6 -3.31 -18.21 14.86
C SER A 6 -3.94 -17.45 13.70
N GLY A 7 -3.10 -16.94 12.80
CA GLY A 7 -3.59 -16.20 11.66
C GLY A 7 -2.71 -16.36 10.44
N THR A 8 -3.30 -16.21 9.26
CA THR A 8 -2.56 -16.35 8.01
C THR A 8 -2.69 -15.10 7.15
N GLY A 9 -1.57 -14.44 6.90
CA GLY A 9 -1.59 -13.22 6.10
C GLY A 9 -1.06 -13.46 4.69
N GLU A 10 -1.97 -13.76 3.76
CA GLU A 10 -1.58 -14.01 2.37
C GLU A 10 -1.30 -12.70 1.65
N LYS A 11 -1.92 -11.62 2.11
CA LYS A 11 -1.72 -10.30 1.50
C LYS A 11 -1.30 -9.29 2.55
N PRO A 12 -0.06 -9.43 3.05
CA PRO A 12 0.49 -8.52 4.07
C PRO A 12 0.78 -7.14 3.51
N TYR A 13 0.90 -7.05 2.19
CA TYR A 13 1.18 -5.77 1.53
C TYR A 13 -0.11 -5.17 0.96
N LYS A 14 -0.48 -3.99 1.47
CA LYS A 14 -1.68 -3.31 1.01
C LYS A 14 -1.45 -1.81 0.93
N CYS A 15 -1.51 -1.27 -0.28
CA CYS A 15 -1.30 0.16 -0.49
C CYS A 15 -2.33 0.97 0.29
N ASN A 16 -1.84 1.75 1.25
CA ASN A 16 -2.72 2.58 2.08
C ASN A 16 -2.74 4.02 1.57
N GLU A 17 -2.84 4.18 0.25
CA GLU A 17 -2.87 5.50 -0.36
C GLU A 17 -4.04 5.62 -1.34
N CYS A 18 -4.18 4.62 -2.20
CA CYS A 18 -5.26 4.62 -3.19
C CYS A 18 -6.30 3.54 -2.86
N GLY A 19 -5.84 2.47 -2.22
CA GLY A 19 -6.73 1.39 -1.85
C GLY A 19 -6.54 0.16 -2.72
N LYS A 20 -5.43 -0.53 -2.51
CA LYS A 20 -5.13 -1.73 -3.28
C LYS A 20 -4.58 -2.83 -2.38
N ALA A 21 -4.29 -3.99 -2.97
CA ALA A 21 -3.75 -5.12 -2.22
C ALA A 21 -2.85 -5.98 -3.10
N PHE A 22 -1.62 -6.20 -2.63
CA PHE A 22 -0.65 -7.00 -3.37
C PHE A 22 -0.22 -8.21 -2.55
N ARG A 23 0.36 -9.19 -3.23
CA ARG A 23 0.82 -10.41 -2.57
C ARG A 23 2.31 -10.33 -2.26
N ALA A 24 3.08 -9.80 -3.22
CA ALA A 24 4.52 -9.66 -3.04
C ALA A 24 4.88 -8.25 -2.62
N HIS A 25 6.17 -8.04 -2.32
CA HIS A 25 6.64 -6.72 -1.90
C HIS A 25 7.10 -5.90 -3.09
N SER A 26 7.81 -6.55 -4.01
CA SER A 26 8.32 -5.87 -5.20
C SER A 26 7.19 -5.14 -5.94
N ASN A 27 5.99 -5.72 -5.88
CA ASN A 27 4.84 -5.14 -6.55
C ASN A 27 4.39 -3.86 -5.83
N LEU A 28 4.48 -3.88 -4.51
CA LEU A 28 4.08 -2.72 -3.71
C LEU A 28 5.05 -1.56 -3.92
N THR A 29 6.33 -1.80 -3.68
CA THR A 29 7.35 -0.78 -3.84
C THR A 29 7.26 -0.13 -5.22
N THR A 30 7.06 -0.95 -6.25
CA THR A 30 6.96 -0.45 -7.61
C THR A 30 5.68 0.34 -7.81
N HIS A 31 4.67 0.05 -7.00
CA HIS A 31 3.39 0.74 -7.08
C HIS A 31 3.43 2.05 -6.29
N GLN A 32 4.33 2.13 -5.33
CA GLN A 32 4.47 3.32 -4.50
C GLN A 32 4.99 4.49 -5.33
N VAL A 33 5.48 4.19 -6.53
CA VAL A 33 6.02 5.22 -7.41
C VAL A 33 5.03 6.38 -7.57
N ILE A 34 3.85 6.06 -8.11
CA ILE A 34 2.82 7.08 -8.31
C ILE A 34 2.57 7.87 -7.04
N HIS A 35 2.76 7.22 -5.90
CA HIS A 35 2.55 7.86 -4.60
C HIS A 35 3.85 8.44 -4.07
N THR A 36 4.65 9.04 -4.95
CA THR A 36 5.91 9.63 -4.57
C THR A 36 5.74 11.09 -4.17
N GLY A 37 4.81 11.77 -4.83
CA GLY A 37 4.56 13.17 -4.53
C GLY A 37 3.46 13.36 -3.51
N GLU A 38 3.82 13.30 -2.23
CA GLU A 38 2.87 13.46 -1.15
C GLU A 38 2.73 14.93 -0.76
N LYS A 39 1.60 15.53 -1.10
CA LYS A 39 1.34 16.93 -0.79
C LYS A 39 2.42 17.83 -1.41
N PRO A 40 2.37 17.98 -2.74
CA PRO A 40 3.33 18.81 -3.47
C PRO A 40 3.13 20.30 -3.21
N SER A 41 4.24 21.02 -3.06
CA SER A 41 4.18 22.46 -2.80
C SER A 41 3.39 23.18 -3.89
N GLY A 42 2.66 24.22 -3.49
CA GLY A 42 1.88 24.98 -4.44
C GLY A 42 0.76 25.76 -3.77
N PRO A 43 -0.30 25.04 -3.37
CA PRO A 43 -1.46 25.64 -2.71
C PRO A 43 -1.14 26.12 -1.30
N SER A 44 -1.53 27.36 -1.01
CA SER A 44 -1.27 27.95 0.31
C SER A 44 -2.22 29.12 0.57
N SER A 45 -2.55 29.33 1.84
CA SER A 45 -3.45 30.41 2.23
C SER A 45 -4.79 30.29 1.49
N GLY A 46 -5.20 29.06 1.21
CA GLY A 46 -6.45 28.84 0.52
C GLY A 46 -7.51 28.20 1.40
N GLY A 1 -23.40 -4.16 5.20
CA GLY A 1 -22.18 -4.55 5.90
C GLY A 1 -20.93 -4.16 5.14
N SER A 2 -19.77 -4.53 5.67
CA SER A 2 -18.50 -4.21 5.05
C SER A 2 -17.41 -5.17 5.51
N SER A 3 -16.26 -5.12 4.84
CA SER A 3 -15.13 -5.99 5.19
C SER A 3 -13.89 -5.16 5.51
N GLY A 4 -12.86 -5.83 6.00
CA GLY A 4 -11.62 -5.15 6.35
C GLY A 4 -10.43 -6.08 6.39
N SER A 5 -9.32 -5.60 6.94
CA SER A 5 -8.11 -6.41 7.05
C SER A 5 -7.91 -6.93 8.47
N SER A 6 -7.93 -8.25 8.61
CA SER A 6 -7.76 -8.88 9.92
C SER A 6 -6.29 -9.14 10.21
N GLY A 7 -5.48 -8.08 10.12
CA GLY A 7 -4.06 -8.21 10.37
C GLY A 7 -3.27 -8.56 9.14
N THR A 8 -2.60 -9.70 9.17
CA THR A 8 -1.80 -10.15 8.03
C THR A 8 -1.96 -11.65 7.80
N GLY A 9 -1.86 -12.06 6.54
CA GLY A 9 -2.01 -13.47 6.21
C GLY A 9 -1.45 -13.80 4.85
N GLU A 10 -2.30 -13.75 3.82
CA GLU A 10 -1.89 -14.05 2.46
C GLU A 10 -1.52 -12.77 1.71
N LYS A 11 -2.12 -11.66 2.12
CA LYS A 11 -1.85 -10.37 1.50
C LYS A 11 -1.47 -9.32 2.53
N PRO A 12 -0.26 -9.46 3.09
CA PRO A 12 0.26 -8.53 4.11
C PRO A 12 0.57 -7.17 3.53
N TYR A 13 0.72 -7.10 2.21
CA TYR A 13 1.03 -5.84 1.53
C TYR A 13 -0.24 -5.22 0.96
N LYS A 14 -0.51 -3.98 1.36
CA LYS A 14 -1.69 -3.27 0.88
C LYS A 14 -1.42 -1.76 0.82
N CYS A 15 -1.72 -1.15 -0.32
CA CYS A 15 -1.52 0.28 -0.51
C CYS A 15 -2.52 1.08 0.32
N ASN A 16 -2.01 1.82 1.30
CA ASN A 16 -2.86 2.64 2.16
C ASN A 16 -2.92 4.08 1.67
N GLU A 17 -2.86 4.25 0.35
CA GLU A 17 -2.90 5.58 -0.24
C GLU A 17 -4.07 5.70 -1.22
N CYS A 18 -4.25 4.68 -2.05
CA CYS A 18 -5.32 4.67 -3.04
C CYS A 18 -6.34 3.56 -2.72
N GLY A 19 -5.86 2.51 -2.06
CA GLY A 19 -6.74 1.40 -1.71
C GLY A 19 -6.54 0.20 -2.61
N LYS A 20 -5.44 -0.53 -2.39
CA LYS A 20 -5.13 -1.71 -3.18
C LYS A 20 -4.54 -2.81 -2.31
N ALA A 21 -4.31 -3.97 -2.90
CA ALA A 21 -3.75 -5.11 -2.18
C ALA A 21 -2.88 -5.97 -3.09
N PHE A 22 -1.63 -6.18 -2.69
CA PHE A 22 -0.71 -6.98 -3.47
C PHE A 22 -0.26 -8.23 -2.70
N ARG A 23 0.63 -9.01 -3.29
CA ARG A 23 1.12 -10.23 -2.66
C ARG A 23 2.63 -10.13 -2.42
N ALA A 24 3.37 -9.72 -3.45
CA ALA A 24 4.81 -9.59 -3.35
C ALA A 24 5.21 -8.20 -2.88
N HIS A 25 6.34 -8.11 -2.19
CA HIS A 25 6.83 -6.83 -1.68
C HIS A 25 7.27 -5.92 -2.82
N SER A 26 7.97 -6.49 -3.79
CA SER A 26 8.45 -5.73 -4.95
C SER A 26 7.28 -5.04 -5.66
N ASN A 27 6.17 -5.75 -5.76
CA ASN A 27 4.98 -5.20 -6.42
C ASN A 27 4.54 -3.89 -5.76
N LEU A 28 4.40 -3.92 -4.44
CA LEU A 28 3.98 -2.75 -3.68
C LEU A 28 4.91 -1.57 -3.97
N THR A 29 6.21 -1.79 -3.80
CA THR A 29 7.19 -0.75 -4.04
C THR A 29 7.04 -0.15 -5.43
N THR A 30 6.99 -1.01 -6.44
CA THR A 30 6.84 -0.57 -7.82
C THR A 30 5.56 0.25 -8.00
N HIS A 31 4.58 0.00 -7.14
CA HIS A 31 3.32 0.72 -7.21
C HIS A 31 3.38 2.01 -6.41
N GLN A 32 4.28 2.05 -5.44
CA GLN A 32 4.45 3.24 -4.60
C GLN A 32 5.00 4.40 -5.40
N VAL A 33 5.47 4.12 -6.61
CA VAL A 33 6.02 5.15 -7.47
C VAL A 33 5.06 6.33 -7.61
N ILE A 34 3.87 6.06 -8.14
CA ILE A 34 2.86 7.09 -8.33
C ILE A 34 2.62 7.86 -7.03
N HIS A 35 2.81 7.19 -5.90
CA HIS A 35 2.62 7.81 -4.60
C HIS A 35 3.94 8.33 -4.05
N THR A 36 4.77 8.87 -4.93
CA THR A 36 6.06 9.41 -4.53
C THR A 36 5.96 10.88 -4.16
N GLY A 37 6.86 11.33 -3.29
CA GLY A 37 6.85 12.72 -2.87
C GLY A 37 8.21 13.20 -2.39
N GLU A 38 8.62 14.37 -2.85
CA GLU A 38 9.91 14.93 -2.47
C GLU A 38 9.73 16.19 -1.64
N LYS A 39 8.61 16.27 -0.92
CA LYS A 39 8.31 17.42 -0.08
C LYS A 39 7.68 16.99 1.24
N PRO A 40 8.50 16.39 2.11
CA PRO A 40 8.05 15.91 3.42
C PRO A 40 7.73 17.06 4.37
N SER A 41 6.45 17.42 4.44
CA SER A 41 6.01 18.51 5.31
C SER A 41 6.13 18.10 6.78
N GLY A 42 6.83 18.92 7.56
CA GLY A 42 7.00 18.64 8.97
C GLY A 42 5.92 19.26 9.82
N PRO A 43 5.82 18.83 11.08
CA PRO A 43 4.82 19.34 12.03
C PRO A 43 5.11 20.78 12.45
N SER A 44 4.06 21.58 12.51
CA SER A 44 4.19 22.98 12.90
C SER A 44 4.76 23.11 14.32
N SER A 45 5.81 23.90 14.45
CA SER A 45 6.45 24.10 15.75
C SER A 45 5.44 24.61 16.78
N GLY A 46 5.76 24.44 18.06
CA GLY A 46 4.88 24.90 19.12
C GLY A 46 5.63 25.65 20.21
N GLY A 1 -15.53 -8.79 12.94
CA GLY A 1 -15.96 -9.26 11.64
C GLY A 1 -16.28 -8.12 10.69
N SER A 2 -15.76 -8.19 9.48
CA SER A 2 -15.99 -7.15 8.49
C SER A 2 -16.73 -7.72 7.28
N SER A 3 -16.49 -9.00 6.98
CA SER A 3 -17.12 -9.65 5.85
C SER A 3 -16.79 -11.14 5.84
N GLY A 4 -17.71 -11.95 5.30
CA GLY A 4 -17.49 -13.38 5.23
C GLY A 4 -17.28 -13.86 3.81
N SER A 5 -16.60 -13.06 3.01
CA SER A 5 -16.34 -13.42 1.61
C SER A 5 -14.84 -13.51 1.34
N SER A 6 -14.12 -14.22 2.22
CA SER A 6 -12.68 -14.38 2.07
C SER A 6 -12.35 -15.50 1.09
N GLY A 7 -11.51 -15.19 0.11
CA GLY A 7 -11.13 -16.17 -0.88
C GLY A 7 -9.75 -16.75 -0.63
N THR A 8 -9.43 -17.84 -1.31
CA THR A 8 -8.14 -18.49 -1.15
C THR A 8 -7.03 -17.70 -1.85
N GLY A 9 -6.64 -16.58 -1.24
CA GLY A 9 -5.60 -15.75 -1.82
C GLY A 9 -4.85 -14.94 -0.78
N GLU A 10 -3.53 -15.09 -0.75
CA GLU A 10 -2.71 -14.36 0.21
C GLU A 10 -2.46 -12.92 -0.26
N LYS A 11 -2.25 -12.03 0.70
CA LYS A 11 -1.99 -10.63 0.39
C LYS A 11 -1.62 -9.86 1.65
N PRO A 12 -0.39 -10.10 2.15
CA PRO A 12 0.12 -9.43 3.35
C PRO A 12 0.40 -7.95 3.12
N TYR A 13 0.49 -7.57 1.85
CA TYR A 13 0.76 -6.18 1.49
C TYR A 13 -0.49 -5.51 0.95
N LYS A 14 -0.73 -4.28 1.39
CA LYS A 14 -1.90 -3.52 0.96
C LYS A 14 -1.60 -2.02 0.94
N CYS A 15 -1.83 -1.40 -0.20
CA CYS A 15 -1.58 0.04 -0.36
C CYS A 15 -2.55 0.84 0.51
N ASN A 16 -2.01 1.62 1.43
CA ASN A 16 -2.82 2.44 2.32
C ASN A 16 -2.81 3.90 1.86
N GLU A 17 -2.63 4.10 0.57
CA GLU A 17 -2.60 5.45 0.00
C GLU A 17 -3.77 5.66 -0.96
N CYS A 18 -3.98 4.69 -1.85
CA CYS A 18 -5.06 4.76 -2.83
C CYS A 18 -6.10 3.67 -2.57
N GLY A 19 -5.65 2.56 -1.99
CA GLY A 19 -6.56 1.46 -1.71
C GLY A 19 -6.37 0.29 -2.65
N LYS A 20 -5.40 -0.57 -2.33
CA LYS A 20 -5.11 -1.73 -3.15
C LYS A 20 -4.59 -2.89 -2.30
N ALA A 21 -4.31 -4.02 -2.94
CA ALA A 21 -3.80 -5.18 -2.25
C ALA A 21 -2.82 -5.97 -3.12
N PHE A 22 -1.61 -6.18 -2.61
CA PHE A 22 -0.59 -6.91 -3.34
C PHE A 22 -0.16 -8.15 -2.58
N ARG A 23 0.59 -9.02 -3.25
CA ARG A 23 1.07 -10.26 -2.63
C ARG A 23 2.55 -10.16 -2.30
N ALA A 24 3.33 -9.57 -3.21
CA ALA A 24 4.76 -9.41 -3.00
C ALA A 24 5.10 -7.97 -2.62
N HIS A 25 6.26 -7.80 -1.98
CA HIS A 25 6.71 -6.47 -1.56
C HIS A 25 7.11 -5.64 -2.77
N SER A 26 7.78 -6.27 -3.72
CA SER A 26 8.24 -5.57 -4.93
C SER A 26 7.08 -4.84 -5.60
N ASN A 27 5.93 -5.48 -5.66
CA ASN A 27 4.74 -4.90 -6.27
C ASN A 27 4.37 -3.58 -5.58
N LEU A 28 4.45 -3.58 -4.26
CA LEU A 28 4.12 -2.40 -3.48
C LEU A 28 5.12 -1.27 -3.73
N THR A 29 6.39 -1.56 -3.47
CA THR A 29 7.45 -0.58 -3.67
C THR A 29 7.41 -0.01 -5.09
N THR A 30 7.02 -0.85 -6.05
CA THR A 30 6.94 -0.44 -7.44
C THR A 30 5.65 0.32 -7.72
N HIS A 31 4.63 0.06 -6.90
CA HIS A 31 3.34 0.73 -7.06
C HIS A 31 3.34 2.08 -6.37
N GLN A 32 4.21 2.23 -5.36
CA GLN A 32 4.31 3.48 -4.62
C GLN A 32 4.88 4.59 -5.50
N VAL A 33 5.42 4.22 -6.65
CA VAL A 33 6.01 5.18 -7.57
C VAL A 33 5.04 6.33 -7.85
N ILE A 34 3.86 5.98 -8.37
CA ILE A 34 2.85 6.99 -8.68
C ILE A 34 2.59 7.90 -7.49
N HIS A 35 2.76 7.36 -6.29
CA HIS A 35 2.54 8.12 -5.07
C HIS A 35 3.75 9.01 -4.76
N THR A 36 4.94 8.51 -5.09
CA THR A 36 6.17 9.25 -4.85
C THR A 36 6.44 10.26 -5.97
N GLY A 37 7.32 11.22 -5.70
CA GLY A 37 7.64 12.23 -6.69
C GLY A 37 7.65 13.63 -6.11
N GLU A 38 6.99 13.81 -4.98
CA GLU A 38 6.94 15.11 -4.32
C GLU A 38 8.30 15.49 -3.74
N LYS A 39 9.08 14.48 -3.40
CA LYS A 39 10.41 14.70 -2.84
C LYS A 39 10.33 15.58 -1.60
N PRO A 40 9.84 15.00 -0.49
CA PRO A 40 9.71 15.72 0.78
C PRO A 40 11.06 16.02 1.42
N SER A 41 12.07 15.26 1.04
CA SER A 41 13.42 15.45 1.58
C SER A 41 14.21 16.45 0.74
N GLY A 42 14.68 17.51 1.39
CA GLY A 42 15.45 18.53 0.68
C GLY A 42 15.46 19.85 1.43
N PRO A 43 16.21 19.90 2.54
CA PRO A 43 16.33 21.10 3.36
C PRO A 43 17.13 22.21 2.66
N SER A 44 18.03 21.81 1.78
CA SER A 44 18.84 22.76 1.04
C SER A 44 18.59 22.66 -0.46
N SER A 45 18.62 23.81 -1.14
CA SER A 45 18.38 23.85 -2.58
C SER A 45 19.66 23.53 -3.34
N GLY A 46 20.80 23.94 -2.78
CA GLY A 46 22.08 23.68 -3.42
C GLY A 46 22.44 24.78 -4.42
N GLY A 1 -1.66 -37.69 3.97
CA GLY A 1 -3.05 -37.76 3.57
C GLY A 1 -3.23 -37.43 2.10
N SER A 2 -4.37 -36.82 1.78
CA SER A 2 -4.68 -36.46 0.39
C SER A 2 -3.81 -35.29 -0.05
N SER A 3 -2.82 -35.58 -0.89
CA SER A 3 -1.92 -34.55 -1.39
C SER A 3 -2.60 -33.72 -2.47
N GLY A 4 -2.73 -32.42 -2.21
CA GLY A 4 -3.36 -31.52 -3.17
C GLY A 4 -3.66 -30.16 -2.58
N SER A 5 -2.61 -29.43 -2.24
CA SER A 5 -2.77 -28.10 -1.65
C SER A 5 -1.85 -27.09 -2.34
N SER A 6 -2.32 -26.53 -3.45
CA SER A 6 -1.56 -25.55 -4.20
C SER A 6 -2.41 -24.34 -4.57
N GLY A 7 -2.85 -23.61 -3.55
CA GLY A 7 -3.67 -22.44 -3.79
C GLY A 7 -3.72 -21.50 -2.59
N THR A 8 -2.86 -20.50 -2.60
CA THR A 8 -2.80 -19.53 -1.51
C THR A 8 -2.94 -18.10 -2.02
N GLY A 9 -3.48 -17.23 -1.18
CA GLY A 9 -3.66 -15.84 -1.57
C GLY A 9 -3.20 -14.87 -0.50
N GLU A 10 -2.05 -15.16 0.09
CA GLU A 10 -1.50 -14.30 1.14
C GLU A 10 -1.26 -12.89 0.63
N LYS A 11 -1.92 -11.92 1.27
CA LYS A 11 -1.79 -10.52 0.87
C LYS A 11 -1.43 -9.65 2.07
N PRO A 12 -0.19 -9.81 2.58
CA PRO A 12 0.29 -9.05 3.73
C PRO A 12 0.52 -7.58 3.39
N TYR A 13 0.62 -7.28 2.10
CA TYR A 13 0.85 -5.91 1.65
C TYR A 13 -0.46 -5.28 1.18
N LYS A 14 -0.80 -4.13 1.74
CA LYS A 14 -2.02 -3.42 1.38
C LYS A 14 -1.76 -1.92 1.27
N CYS A 15 -1.82 -1.41 0.04
CA CYS A 15 -1.60 0.01 -0.21
C CYS A 15 -2.65 0.86 0.50
N ASN A 16 -2.21 1.64 1.47
CA ASN A 16 -3.11 2.50 2.24
C ASN A 16 -3.08 3.94 1.70
N GLU A 17 -2.78 4.07 0.41
CA GLU A 17 -2.72 5.38 -0.23
C GLU A 17 -3.85 5.54 -1.25
N CYS A 18 -4.07 4.51 -2.04
CA CYS A 18 -5.11 4.54 -3.06
C CYS A 18 -6.22 3.54 -2.74
N GLY A 19 -5.84 2.44 -2.07
CA GLY A 19 -6.82 1.42 -1.71
C GLY A 19 -6.67 0.16 -2.53
N LYS A 20 -5.53 -0.51 -2.39
CA LYS A 20 -5.26 -1.73 -3.12
C LYS A 20 -4.63 -2.78 -2.21
N ALA A 21 -4.31 -3.94 -2.78
CA ALA A 21 -3.71 -5.02 -2.02
C ALA A 21 -2.87 -5.93 -2.92
N PHE A 22 -1.58 -6.00 -2.63
CA PHE A 22 -0.66 -6.82 -3.42
C PHE A 22 -0.27 -8.08 -2.66
N ARG A 23 0.41 -8.99 -3.34
CA ARG A 23 0.86 -10.24 -2.72
C ARG A 23 2.36 -10.25 -2.52
N ALA A 24 3.07 -9.55 -3.40
CA ALA A 24 4.53 -9.47 -3.33
C ALA A 24 4.98 -8.15 -2.74
N HIS A 25 6.27 -8.05 -2.42
CA HIS A 25 6.82 -6.83 -1.86
C HIS A 25 7.34 -5.90 -2.95
N SER A 26 7.90 -6.49 -4.01
CA SER A 26 8.41 -5.71 -5.12
C SER A 26 7.30 -4.96 -5.84
N ASN A 27 6.09 -5.51 -5.79
CA ASN A 27 4.94 -4.90 -6.43
C ASN A 27 4.53 -3.62 -5.72
N LEU A 28 4.63 -3.64 -4.39
CA LEU A 28 4.27 -2.48 -3.59
C LEU A 28 5.25 -1.34 -3.81
N THR A 29 6.53 -1.60 -3.57
CA THR A 29 7.57 -0.61 -3.74
C THR A 29 7.52 0.01 -5.13
N THR A 30 7.21 -0.82 -6.12
CA THR A 30 7.13 -0.36 -7.51
C THR A 30 5.82 0.38 -7.77
N HIS A 31 4.82 0.08 -6.96
CA HIS A 31 3.51 0.72 -7.10
C HIS A 31 3.48 2.05 -6.37
N GLN A 32 4.34 2.20 -5.37
CA GLN A 32 4.41 3.43 -4.60
C GLN A 32 4.97 4.58 -5.44
N VAL A 33 5.51 4.25 -6.60
CA VAL A 33 6.06 5.25 -7.51
C VAL A 33 5.07 6.38 -7.75
N ILE A 34 3.89 6.02 -8.26
CA ILE A 34 2.85 7.00 -8.55
C ILE A 34 2.57 7.87 -7.33
N HIS A 35 2.75 7.30 -6.14
CA HIS A 35 2.52 8.01 -4.90
C HIS A 35 3.70 8.91 -4.56
N THR A 36 4.89 8.49 -4.96
CA THR A 36 6.10 9.26 -4.69
C THR A 36 6.35 10.30 -5.79
N GLY A 37 6.54 11.54 -5.38
CA GLY A 37 6.79 12.61 -6.34
C GLY A 37 5.56 13.47 -6.56
N GLU A 38 4.71 13.57 -5.54
CA GLU A 38 3.50 14.37 -5.64
C GLU A 38 3.63 15.66 -4.83
N LYS A 39 4.04 15.53 -3.58
CA LYS A 39 4.21 16.68 -2.71
C LYS A 39 5.68 16.85 -2.31
N PRO A 40 6.51 17.30 -3.25
CA PRO A 40 7.94 17.52 -3.03
C PRO A 40 8.21 18.70 -2.10
N SER A 41 9.30 18.61 -1.35
CA SER A 41 9.66 19.68 -0.42
C SER A 41 10.70 20.60 -1.04
N GLY A 42 10.25 21.72 -1.58
CA GLY A 42 11.16 22.67 -2.20
C GLY A 42 10.58 23.31 -3.45
N PRO A 43 10.49 22.51 -4.52
CA PRO A 43 9.96 22.96 -5.81
C PRO A 43 8.45 23.23 -5.75
N SER A 44 7.92 23.86 -6.79
CA SER A 44 6.51 24.17 -6.86
C SER A 44 5.80 23.26 -7.86
N SER A 45 6.32 23.21 -9.07
CA SER A 45 5.73 22.37 -10.12
C SER A 45 4.25 22.71 -10.32
N GLY A 46 3.96 23.99 -10.52
CA GLY A 46 2.60 24.41 -10.72
C GLY A 46 2.26 25.67 -9.93
N GLY A 1 -30.02 -15.70 9.14
CA GLY A 1 -28.77 -15.68 8.39
C GLY A 1 -27.57 -16.04 9.25
N SER A 2 -26.56 -16.64 8.62
CA SER A 2 -25.36 -17.03 9.33
C SER A 2 -24.11 -16.49 8.63
N SER A 3 -23.93 -15.17 8.70
CA SER A 3 -22.79 -14.52 8.08
C SER A 3 -21.56 -14.60 8.98
N GLY A 4 -20.38 -14.44 8.37
CA GLY A 4 -19.15 -14.51 9.13
C GLY A 4 -18.03 -13.72 8.48
N SER A 5 -16.79 -14.07 8.81
CA SER A 5 -15.63 -13.39 8.26
C SER A 5 -14.68 -14.38 7.60
N SER A 6 -14.18 -14.02 6.42
CA SER A 6 -13.27 -14.89 5.68
C SER A 6 -12.35 -14.07 4.78
N GLY A 7 -11.05 -14.31 4.89
CA GLY A 7 -10.09 -13.59 4.08
C GLY A 7 -9.01 -14.49 3.51
N THR A 8 -9.36 -15.24 2.46
CA THR A 8 -8.42 -16.15 1.84
C THR A 8 -7.28 -15.39 1.15
N GLY A 9 -6.07 -15.90 1.25
CA GLY A 9 -4.93 -15.26 0.63
C GLY A 9 -4.32 -14.18 1.51
N GLU A 10 -3.04 -14.31 1.81
CA GLU A 10 -2.34 -13.35 2.64
C GLU A 10 -1.90 -12.15 1.84
N LYS A 11 -2.39 -10.97 2.21
CA LYS A 11 -2.04 -9.73 1.52
C LYS A 11 -1.52 -8.68 2.50
N PRO A 12 -0.31 -8.91 3.01
CA PRO A 12 0.33 -7.99 3.96
C PRO A 12 0.73 -6.67 3.32
N TYR A 13 0.94 -6.70 2.00
CA TYR A 13 1.33 -5.50 1.27
C TYR A 13 0.11 -4.85 0.60
N LYS A 14 -0.56 -3.99 1.35
CA LYS A 14 -1.75 -3.30 0.84
C LYS A 14 -1.52 -1.79 0.83
N CYS A 15 -1.67 -1.18 -0.34
CA CYS A 15 -1.48 0.26 -0.49
C CYS A 15 -2.55 1.01 0.31
N ASN A 16 -2.10 1.74 1.33
CA ASN A 16 -3.02 2.51 2.17
C ASN A 16 -3.08 3.97 1.70
N GLU A 17 -2.98 4.17 0.40
CA GLU A 17 -3.02 5.52 -0.18
C GLU A 17 -4.13 5.62 -1.22
N CYS A 18 -4.32 4.55 -1.99
CA CYS A 18 -5.34 4.53 -3.03
C CYS A 18 -6.38 3.46 -2.74
N GLY A 19 -5.95 2.39 -2.07
CA GLY A 19 -6.87 1.31 -1.73
C GLY A 19 -6.66 0.10 -2.61
N LYS A 20 -5.57 -0.62 -2.37
CA LYS A 20 -5.26 -1.82 -3.15
C LYS A 20 -4.68 -2.92 -2.26
N ALA A 21 -4.35 -4.06 -2.85
CA ALA A 21 -3.78 -5.18 -2.11
C ALA A 21 -2.92 -6.04 -3.01
N PHE A 22 -1.64 -6.17 -2.65
CA PHE A 22 -0.70 -6.98 -3.43
C PHE A 22 -0.26 -8.20 -2.63
N ARG A 23 0.54 -9.05 -3.28
CA ARG A 23 1.04 -10.26 -2.63
C ARG A 23 2.55 -10.18 -2.42
N ALA A 24 3.27 -9.76 -3.45
CA ALA A 24 4.71 -9.63 -3.38
C ALA A 24 5.12 -8.24 -2.92
N HIS A 25 6.30 -8.14 -2.32
CA HIS A 25 6.81 -6.86 -1.83
C HIS A 25 7.22 -5.96 -2.99
N SER A 26 7.98 -6.51 -3.93
CA SER A 26 8.44 -5.75 -5.09
C SER A 26 7.28 -5.08 -5.79
N ASN A 27 6.10 -5.71 -5.71
CA ASN A 27 4.91 -5.16 -6.35
C ASN A 27 4.48 -3.86 -5.68
N LEU A 28 4.41 -3.88 -4.36
CA LEU A 28 4.00 -2.69 -3.61
C LEU A 28 4.96 -1.53 -3.88
N THR A 29 6.25 -1.76 -3.71
CA THR A 29 7.25 -0.74 -3.95
C THR A 29 7.09 -0.12 -5.34
N THR A 30 7.10 -0.97 -6.36
CA THR A 30 6.96 -0.50 -7.74
C THR A 30 5.66 0.28 -7.92
N HIS A 31 4.69 0.00 -7.07
CA HIS A 31 3.39 0.68 -7.14
C HIS A 31 3.44 1.99 -6.35
N GLN A 32 4.35 2.07 -5.39
CA GLN A 32 4.49 3.27 -4.57
C GLN A 32 5.02 4.43 -5.38
N VAL A 33 5.50 4.14 -6.58
CA VAL A 33 6.05 5.17 -7.47
C VAL A 33 5.08 6.33 -7.62
N ILE A 34 3.86 6.03 -8.06
CA ILE A 34 2.84 7.06 -8.25
C ILE A 34 2.61 7.85 -6.97
N HIS A 35 2.83 7.19 -5.82
CA HIS A 35 2.65 7.82 -4.53
C HIS A 35 3.99 8.33 -3.98
N THR A 36 4.92 8.60 -4.88
CA THR A 36 6.24 9.09 -4.49
C THR A 36 6.26 10.61 -4.41
N GLY A 37 5.67 11.26 -5.41
CA GLY A 37 5.64 12.71 -5.44
C GLY A 37 4.44 13.28 -4.71
N GLU A 38 4.70 14.00 -3.61
CA GLU A 38 3.64 14.59 -2.82
C GLU A 38 2.75 15.50 -3.68
N LYS A 39 1.44 15.42 -3.45
CA LYS A 39 0.48 16.23 -4.20
C LYS A 39 -0.58 16.79 -3.28
N PRO A 40 -0.18 17.77 -2.44
CA PRO A 40 -1.09 18.42 -1.50
C PRO A 40 -2.10 19.31 -2.20
N SER A 41 -1.80 19.69 -3.43
CA SER A 41 -2.69 20.56 -4.21
C SER A 41 -3.93 19.80 -4.64
N GLY A 42 -4.92 19.72 -3.75
CA GLY A 42 -6.15 19.03 -4.07
C GLY A 42 -7.32 19.97 -4.29
N PRO A 43 -8.46 19.42 -4.71
CA PRO A 43 -9.67 20.21 -4.97
C PRO A 43 -10.30 20.75 -3.69
N SER A 44 -10.66 22.03 -3.71
CA SER A 44 -11.26 22.66 -2.55
C SER A 44 -12.18 23.81 -2.97
N SER A 45 -13.11 24.17 -2.10
CA SER A 45 -14.06 25.25 -2.38
C SER A 45 -13.43 26.61 -2.09
N GLY A 46 -12.47 26.62 -1.17
CA GLY A 46 -11.81 27.86 -0.81
C GLY A 46 -10.31 27.68 -0.58
N GLY A 1 -12.25 -6.17 18.33
CA GLY A 1 -12.88 -4.87 18.37
C GLY A 1 -13.47 -4.46 17.04
N SER A 2 -12.74 -4.72 15.96
CA SER A 2 -13.20 -4.37 14.62
C SER A 2 -12.76 -5.42 13.61
N SER A 3 -13.71 -6.21 13.12
CA SER A 3 -13.42 -7.24 12.14
C SER A 3 -13.82 -6.81 10.73
N GLY A 4 -13.26 -7.47 9.74
CA GLY A 4 -13.57 -7.14 8.36
C GLY A 4 -13.00 -8.14 7.37
N SER A 5 -13.08 -9.42 7.72
CA SER A 5 -12.56 -10.48 6.86
C SER A 5 -12.91 -11.86 7.42
N SER A 6 -12.87 -12.87 6.55
CA SER A 6 -13.19 -14.23 6.96
C SER A 6 -12.00 -15.15 6.73
N GLY A 7 -11.13 -15.23 7.74
CA GLY A 7 -9.95 -16.08 7.63
C GLY A 7 -8.67 -15.28 7.54
N THR A 8 -7.54 -15.96 7.73
CA THR A 8 -6.23 -15.31 7.67
C THR A 8 -5.87 -14.94 6.24
N GLY A 9 -5.79 -13.64 5.97
CA GLY A 9 -5.45 -13.17 4.63
C GLY A 9 -3.95 -13.12 4.41
N GLU A 10 -3.50 -13.59 3.25
CA GLU A 10 -2.09 -13.59 2.91
C GLU A 10 -1.71 -12.34 2.13
N LYS A 11 -2.22 -11.19 2.57
CA LYS A 11 -1.94 -9.92 1.91
C LYS A 11 -1.35 -8.92 2.90
N PRO A 12 -0.08 -9.15 3.29
CA PRO A 12 0.63 -8.27 4.23
C PRO A 12 0.96 -6.92 3.61
N TYR A 13 0.99 -6.87 2.29
CA TYR A 13 1.30 -5.64 1.57
C TYR A 13 0.06 -5.06 0.91
N LYS A 14 -0.46 -3.97 1.48
CA LYS A 14 -1.65 -3.32 0.94
C LYS A 14 -1.44 -1.81 0.87
N CYS A 15 -1.58 -1.26 -0.34
CA CYS A 15 -1.41 0.18 -0.55
C CYS A 15 -2.49 0.96 0.21
N ASN A 16 -2.05 1.72 1.21
CA ASN A 16 -2.96 2.52 2.02
C ASN A 16 -3.02 3.96 1.51
N GLU A 17 -2.77 4.13 0.22
CA GLU A 17 -2.79 5.46 -0.39
C GLU A 17 -3.94 5.58 -1.38
N CYS A 18 -4.11 4.57 -2.21
CA CYS A 18 -5.17 4.56 -3.21
C CYS A 18 -6.21 3.49 -2.89
N GLY A 19 -5.78 2.42 -2.25
CA GLY A 19 -6.68 1.34 -1.89
C GLY A 19 -6.49 0.10 -2.75
N LYS A 20 -5.41 -0.63 -2.48
CA LYS A 20 -5.10 -1.84 -3.23
C LYS A 20 -4.46 -2.90 -2.33
N ALA A 21 -4.33 -4.10 -2.85
CA ALA A 21 -3.74 -5.20 -2.09
C ALA A 21 -2.85 -6.07 -2.98
N PHE A 22 -1.60 -6.24 -2.59
CA PHE A 22 -0.65 -7.04 -3.34
C PHE A 22 -0.11 -8.19 -2.50
N ARG A 23 0.34 -9.25 -3.16
CA ARG A 23 0.89 -10.41 -2.47
C ARG A 23 2.40 -10.34 -2.39
N ALA A 24 3.02 -9.71 -3.39
CA ALA A 24 4.47 -9.56 -3.43
C ALA A 24 4.89 -8.14 -3.07
N HIS A 25 5.96 -8.02 -2.30
CA HIS A 25 6.46 -6.71 -1.88
C HIS A 25 7.02 -5.94 -3.07
N SER A 26 7.63 -6.67 -4.00
CA SER A 26 8.20 -6.04 -5.19
C SER A 26 7.15 -5.24 -5.95
N ASN A 27 5.91 -5.72 -5.91
CA ASN A 27 4.82 -5.04 -6.59
C ASN A 27 4.40 -3.77 -5.86
N LEU A 28 4.37 -3.85 -4.53
CA LEU A 28 3.99 -2.71 -3.70
C LEU A 28 4.96 -1.55 -3.91
N THR A 29 6.24 -1.80 -3.67
CA THR A 29 7.27 -0.77 -3.85
C THR A 29 7.17 -0.12 -5.22
N THR A 30 7.12 -0.95 -6.25
CA THR A 30 7.02 -0.46 -7.62
C THR A 30 5.74 0.32 -7.84
N HIS A 31 4.72 0.03 -7.04
CA HIS A 31 3.44 0.71 -7.14
C HIS A 31 3.45 2.01 -6.34
N GLN A 32 4.34 2.08 -5.36
CA GLN A 32 4.45 3.28 -4.52
C GLN A 32 4.99 4.46 -5.31
N VAL A 33 5.50 4.18 -6.51
CA VAL A 33 6.05 5.22 -7.36
C VAL A 33 5.07 6.38 -7.53
N ILE A 34 3.89 6.07 -8.04
CA ILE A 34 2.86 7.09 -8.25
C ILE A 34 2.61 7.89 -6.98
N HIS A 35 2.81 7.24 -5.84
CA HIS A 35 2.62 7.90 -4.54
C HIS A 35 3.93 8.48 -4.03
N THR A 36 4.69 9.09 -4.93
CA THR A 36 5.98 9.69 -4.55
C THR A 36 5.77 11.05 -3.91
N GLY A 37 5.64 11.05 -2.58
CA GLY A 37 5.45 12.30 -1.86
C GLY A 37 3.99 12.59 -1.59
N GLU A 38 3.64 12.76 -0.32
CA GLU A 38 2.27 13.05 0.07
C GLU A 38 2.15 14.45 0.67
N LYS A 39 1.19 15.22 0.16
CA LYS A 39 0.97 16.58 0.65
C LYS A 39 -0.44 17.05 0.33
N PRO A 40 -1.43 16.45 1.02
CA PRO A 40 -2.84 16.79 0.83
C PRO A 40 -3.17 18.18 1.36
N SER A 41 -4.28 18.74 0.88
CA SER A 41 -4.72 20.06 1.30
C SER A 41 -5.15 20.06 2.77
N GLY A 42 -5.32 21.25 3.33
CA GLY A 42 -5.72 21.36 4.71
C GLY A 42 -5.55 22.76 5.27
N PRO A 43 -5.95 22.96 6.53
CA PRO A 43 -5.83 24.26 7.20
C PRO A 43 -4.39 24.64 7.49
N SER A 44 -3.60 23.67 7.92
CA SER A 44 -2.20 23.90 8.24
C SER A 44 -2.05 25.03 9.26
N SER A 45 -2.96 25.08 10.22
CA SER A 45 -2.94 26.11 11.24
C SER A 45 -2.21 25.62 12.49
N GLY A 46 -1.04 26.20 12.75
CA GLY A 46 -0.26 25.80 13.91
C GLY A 46 -0.75 26.45 15.19
N GLY A 1 -7.86 2.75 24.48
CA GLY A 1 -7.82 1.80 23.40
C GLY A 1 -6.42 1.31 23.10
N SER A 2 -6.15 0.05 23.39
CA SER A 2 -4.84 -0.53 23.16
C SER A 2 -4.60 -0.74 21.67
N SER A 3 -3.62 -0.01 21.13
CA SER A 3 -3.28 -0.10 19.72
C SER A 3 -2.94 -1.54 19.34
N GLY A 4 -2.84 -1.80 18.03
CA GLY A 4 -2.53 -3.13 17.56
C GLY A 4 -3.76 -3.90 17.13
N SER A 5 -3.79 -4.30 15.86
CA SER A 5 -4.92 -5.05 15.32
C SER A 5 -4.50 -5.81 14.06
N SER A 6 -4.66 -7.14 14.12
CA SER A 6 -4.31 -7.99 12.99
C SER A 6 -5.55 -8.59 12.34
N GLY A 7 -5.60 -8.54 11.02
CA GLY A 7 -6.75 -9.08 10.30
C GLY A 7 -6.42 -9.41 8.86
N THR A 8 -5.17 -9.78 8.61
CA THR A 8 -4.73 -10.13 7.26
C THR A 8 -4.32 -11.59 7.18
N GLY A 9 -4.72 -12.26 6.10
CA GLY A 9 -4.38 -13.66 5.93
C GLY A 9 -3.14 -13.84 5.06
N GLU A 10 -3.30 -13.63 3.75
CA GLU A 10 -2.18 -13.78 2.83
C GLU A 10 -1.98 -12.51 2.01
N LYS A 11 -2.26 -11.36 2.64
CA LYS A 11 -2.10 -10.07 1.97
C LYS A 11 -1.41 -9.06 2.89
N PRO A 12 -0.13 -9.30 3.15
CA PRO A 12 0.68 -8.42 4.02
C PRO A 12 0.94 -7.06 3.38
N TYR A 13 0.80 -7.00 2.05
CA TYR A 13 1.03 -5.76 1.32
C TYR A 13 -0.28 -5.12 0.90
N LYS A 14 -0.78 -4.20 1.73
CA LYS A 14 -2.03 -3.51 1.44
C LYS A 14 -1.80 -2.00 1.31
N CYS A 15 -1.80 -1.52 0.07
CA CYS A 15 -1.59 -0.10 -0.19
C CYS A 15 -2.68 0.74 0.48
N ASN A 16 -2.29 1.49 1.51
CA ASN A 16 -3.24 2.33 2.23
C ASN A 16 -3.18 3.77 1.73
N GLU A 17 -2.77 3.94 0.48
CA GLU A 17 -2.66 5.26 -0.12
C GLU A 17 -3.72 5.45 -1.19
N CYS A 18 -4.03 4.39 -1.92
CA CYS A 18 -5.03 4.44 -2.98
C CYS A 18 -6.18 3.48 -2.69
N GLY A 19 -5.86 2.34 -2.07
CA GLY A 19 -6.87 1.35 -1.76
C GLY A 19 -6.71 0.09 -2.56
N LYS A 20 -5.48 -0.40 -2.66
CA LYS A 20 -5.21 -1.62 -3.42
C LYS A 20 -4.62 -2.70 -2.51
N ALA A 21 -4.43 -3.89 -3.06
CA ALA A 21 -3.87 -5.00 -2.31
C ALA A 21 -2.97 -5.87 -3.18
N PHE A 22 -1.73 -6.06 -2.73
CA PHE A 22 -0.77 -6.87 -3.47
C PHE A 22 -0.26 -8.04 -2.63
N ARG A 23 0.23 -9.08 -3.30
CA ARG A 23 0.74 -10.25 -2.61
C ARG A 23 2.25 -10.36 -2.77
N ALA A 24 2.91 -9.23 -2.98
CA ALA A 24 4.36 -9.20 -3.15
C ALA A 24 4.94 -7.88 -2.65
N HIS A 25 6.21 -7.91 -2.26
CA HIS A 25 6.88 -6.72 -1.76
C HIS A 25 7.31 -5.81 -2.92
N SER A 26 8.03 -6.37 -3.87
CA SER A 26 8.50 -5.60 -5.03
C SER A 26 7.34 -4.89 -5.70
N ASN A 27 6.23 -5.59 -5.89
CA ASN A 27 5.05 -5.02 -6.52
C ASN A 27 4.62 -3.74 -5.81
N LEU A 28 4.51 -3.81 -4.48
CA LEU A 28 4.11 -2.65 -3.69
C LEU A 28 5.05 -1.47 -3.93
N THR A 29 6.34 -1.71 -3.73
CA THR A 29 7.34 -0.66 -3.93
C THR A 29 7.21 -0.02 -5.30
N THR A 30 7.26 -0.84 -6.34
CA THR A 30 7.15 -0.36 -7.71
C THR A 30 5.83 0.38 -7.92
N HIS A 31 4.84 0.05 -7.10
CA HIS A 31 3.52 0.68 -7.20
C HIS A 31 3.50 1.99 -6.42
N GLN A 32 4.39 2.12 -5.44
CA GLN A 32 4.46 3.33 -4.62
C GLN A 32 4.99 4.50 -5.43
N VAL A 33 5.50 4.21 -6.62
CA VAL A 33 6.04 5.25 -7.50
C VAL A 33 5.03 6.38 -7.68
N ILE A 34 3.83 6.04 -8.12
CA ILE A 34 2.78 7.04 -8.34
C ILE A 34 2.55 7.87 -7.08
N HIS A 35 2.78 7.25 -5.93
CA HIS A 35 2.60 7.94 -4.65
C HIS A 35 3.82 8.78 -4.30
N THR A 36 4.98 8.39 -4.83
CA THR A 36 6.22 9.10 -4.58
C THR A 36 6.45 10.20 -5.62
N GLY A 37 7.49 11.00 -5.42
CA GLY A 37 7.80 12.07 -6.34
C GLY A 37 9.09 12.78 -6.00
N GLU A 38 9.66 13.49 -6.98
CA GLU A 38 10.90 14.22 -6.76
C GLU A 38 10.63 15.71 -6.59
N LYS A 39 10.00 16.31 -7.59
CA LYS A 39 9.68 17.74 -7.54
C LYS A 39 8.22 17.98 -7.88
N PRO A 40 7.32 17.59 -6.96
CA PRO A 40 5.87 17.75 -7.14
C PRO A 40 5.44 19.22 -7.09
N SER A 41 5.52 19.89 -8.24
CA SER A 41 5.14 21.30 -8.32
C SER A 41 4.81 21.69 -9.76
N GLY A 42 3.70 22.41 -9.93
CA GLY A 42 3.28 22.83 -11.25
C GLY A 42 2.99 24.32 -11.32
N PRO A 43 4.05 25.14 -11.30
CA PRO A 43 3.92 26.60 -11.36
C PRO A 43 3.44 27.08 -12.73
N SER A 44 3.44 28.40 -12.92
CA SER A 44 3.00 28.99 -14.17
C SER A 44 4.10 29.86 -14.77
N SER A 45 4.68 30.73 -13.95
CA SER A 45 5.75 31.61 -14.39
C SER A 45 7.02 30.83 -14.71
N GLY A 46 7.47 30.06 -13.73
CA GLY A 46 8.68 29.26 -13.93
C GLY A 46 8.60 28.37 -15.15
N GLY A 1 2.31 4.95 20.45
CA GLY A 1 3.00 3.78 19.94
C GLY A 1 2.07 2.64 19.64
N SER A 2 2.63 1.50 19.24
CA SER A 2 1.83 0.32 18.91
C SER A 2 1.78 -0.65 20.10
N SER A 3 0.85 -1.59 20.04
CA SER A 3 0.69 -2.58 21.11
C SER A 3 1.64 -3.76 20.89
N GLY A 4 1.92 -4.05 19.63
CA GLY A 4 2.81 -5.15 19.31
C GLY A 4 2.63 -5.66 17.89
N SER A 5 1.43 -6.15 17.59
CA SER A 5 1.13 -6.67 16.26
C SER A 5 0.54 -5.58 15.38
N SER A 6 0.59 -5.80 14.07
CA SER A 6 0.06 -4.83 13.11
C SER A 6 -1.02 -5.47 12.23
N GLY A 7 -0.85 -6.75 11.93
CA GLY A 7 -1.82 -7.45 11.10
C GLY A 7 -1.16 -8.22 9.97
N THR A 8 -1.09 -9.53 10.10
CA THR A 8 -0.48 -10.37 9.07
C THR A 8 -1.49 -11.37 8.52
N GLY A 9 -1.78 -11.27 7.22
CA GLY A 9 -2.72 -12.18 6.59
C GLY A 9 -2.20 -12.73 5.28
N GLU A 10 -3.01 -12.63 4.23
CA GLU A 10 -2.62 -13.14 2.92
C GLU A 10 -2.01 -12.03 2.07
N LYS A 11 -2.43 -10.79 2.34
CA LYS A 11 -1.93 -9.64 1.59
C LYS A 11 -1.37 -8.58 2.54
N PRO A 12 -0.19 -8.87 3.12
CA PRO A 12 0.48 -7.95 4.05
C PRO A 12 1.01 -6.71 3.36
N TYR A 13 1.12 -6.78 2.04
CA TYR A 13 1.62 -5.65 1.26
C TYR A 13 0.49 -4.93 0.56
N LYS A 14 -0.54 -4.57 1.34
CA LYS A 14 -1.69 -3.85 0.81
C LYS A 14 -1.48 -2.34 0.88
N CYS A 15 -1.81 -1.65 -0.21
CA CYS A 15 -1.66 -0.20 -0.27
C CYS A 15 -2.79 0.49 0.49
N ASN A 16 -2.43 1.13 1.61
CA ASN A 16 -3.41 1.83 2.43
C ASN A 16 -3.36 3.34 2.17
N GLU A 17 -3.18 3.71 0.90
CA GLU A 17 -3.12 5.11 0.52
C GLU A 17 -4.10 5.42 -0.60
N CYS A 18 -4.17 4.52 -1.58
CA CYS A 18 -5.06 4.69 -2.71
C CYS A 18 -6.21 3.68 -2.67
N GLY A 19 -5.93 2.52 -2.08
CA GLY A 19 -6.95 1.49 -1.98
C GLY A 19 -6.63 0.28 -2.84
N LYS A 20 -5.36 -0.10 -2.87
CA LYS A 20 -4.92 -1.26 -3.66
C LYS A 20 -4.57 -2.43 -2.77
N ALA A 21 -4.24 -3.56 -3.38
CA ALA A 21 -3.87 -4.76 -2.64
C ALA A 21 -2.87 -5.60 -3.42
N PHE A 22 -1.75 -5.92 -2.77
CA PHE A 22 -0.71 -6.71 -3.41
C PHE A 22 -0.20 -7.80 -2.46
N ARG A 23 0.41 -8.84 -3.02
CA ARG A 23 0.93 -9.94 -2.23
C ARG A 23 2.46 -9.94 -2.24
N ALA A 24 3.04 -9.43 -3.32
CA ALA A 24 4.49 -9.37 -3.46
C ALA A 24 5.03 -8.04 -2.98
N HIS A 25 6.15 -8.08 -2.27
CA HIS A 25 6.77 -6.86 -1.75
C HIS A 25 7.23 -5.96 -2.88
N SER A 26 7.83 -6.56 -3.91
CA SER A 26 8.32 -5.80 -5.05
C SER A 26 7.18 -5.06 -5.74
N ASN A 27 5.98 -5.63 -5.68
CA ASN A 27 4.81 -5.02 -6.29
C ASN A 27 4.45 -3.72 -5.59
N LEU A 28 4.47 -3.74 -4.26
CA LEU A 28 4.14 -2.56 -3.47
C LEU A 28 5.12 -1.43 -3.75
N THR A 29 6.41 -1.69 -3.52
CA THR A 29 7.45 -0.70 -3.74
C THR A 29 7.36 -0.10 -5.15
N THR A 30 7.11 -0.96 -6.13
CA THR A 30 6.99 -0.53 -7.52
C THR A 30 5.68 0.21 -7.75
N HIS A 31 4.70 -0.05 -6.89
CA HIS A 31 3.40 0.59 -7.01
C HIS A 31 3.41 1.96 -6.35
N GLN A 32 4.32 2.15 -5.39
CA GLN A 32 4.43 3.42 -4.68
C GLN A 32 4.97 4.51 -5.59
N VAL A 33 5.46 4.11 -6.76
CA VAL A 33 6.02 5.06 -7.72
C VAL A 33 5.04 6.21 -7.99
N ILE A 34 3.81 5.85 -8.34
CA ILE A 34 2.79 6.85 -8.62
C ILE A 34 2.57 7.77 -7.43
N HIS A 35 2.81 7.24 -6.23
CA HIS A 35 2.64 8.01 -5.01
C HIS A 35 3.84 8.93 -4.78
N THR A 36 4.99 8.33 -4.48
CA THR A 36 6.20 9.09 -4.22
C THR A 36 6.48 10.07 -5.36
N GLY A 37 6.05 9.71 -6.57
CA GLY A 37 6.25 10.57 -7.72
C GLY A 37 5.23 11.68 -7.81
N GLU A 38 5.22 12.56 -6.79
CA GLU A 38 4.28 13.67 -6.76
C GLU A 38 5.00 14.97 -6.43
N LYS A 39 6.25 15.07 -6.83
CA LYS A 39 7.05 16.26 -6.59
C LYS A 39 8.29 16.29 -7.47
N PRO A 40 8.07 16.49 -8.78
CA PRO A 40 9.16 16.55 -9.77
C PRO A 40 10.02 17.80 -9.62
N SER A 41 11.05 17.70 -8.78
CA SER A 41 11.94 18.82 -8.53
C SER A 41 13.13 18.78 -9.48
N GLY A 42 13.06 19.58 -10.55
CA GLY A 42 14.14 19.61 -11.52
C GLY A 42 14.23 18.35 -12.33
N PRO A 43 15.00 18.39 -13.43
CA PRO A 43 15.19 17.23 -14.32
C PRO A 43 16.02 16.14 -13.67
N SER A 44 15.60 14.90 -13.88
CA SER A 44 16.30 13.74 -13.32
C SER A 44 16.22 12.54 -14.25
N SER A 45 17.34 11.83 -14.38
CA SER A 45 17.39 10.65 -15.25
C SER A 45 17.91 9.44 -14.48
N GLY A 46 17.03 8.81 -13.70
CA GLY A 46 17.42 7.65 -12.93
C GLY A 46 18.37 8.00 -11.81
N GLY A 1 -19.24 -11.54 13.26
CA GLY A 1 -18.19 -10.56 13.03
C GLY A 1 -18.44 -9.72 11.79
N SER A 2 -18.56 -8.41 11.97
CA SER A 2 -18.81 -7.51 10.85
C SER A 2 -17.68 -6.49 10.73
N SER A 3 -17.27 -5.93 11.86
CA SER A 3 -16.20 -4.94 11.88
C SER A 3 -15.04 -5.40 12.76
N GLY A 4 -13.89 -5.61 12.14
CA GLY A 4 -12.72 -6.06 12.87
C GLY A 4 -11.42 -5.66 12.20
N SER A 5 -10.37 -5.47 12.99
CA SER A 5 -9.07 -5.09 12.45
C SER A 5 -8.64 -6.03 11.34
N SER A 6 -8.34 -5.45 10.17
CA SER A 6 -7.92 -6.24 9.02
C SER A 6 -6.53 -6.84 9.25
N GLY A 7 -6.02 -7.53 8.23
CA GLY A 7 -4.70 -8.13 8.35
C GLY A 7 -4.77 -9.62 8.63
N THR A 8 -5.85 -10.26 8.20
CA THR A 8 -6.04 -11.68 8.41
C THR A 8 -6.03 -12.44 7.09
N GLY A 9 -4.85 -12.51 6.46
CA GLY A 9 -4.72 -13.21 5.20
C GLY A 9 -3.27 -13.36 4.77
N GLU A 10 -3.06 -13.53 3.47
CA GLU A 10 -1.71 -13.69 2.94
C GLU A 10 -1.33 -12.52 2.03
N LYS A 11 -1.75 -11.32 2.42
CA LYS A 11 -1.46 -10.12 1.63
C LYS A 11 -1.14 -8.94 2.54
N PRO A 12 0.01 -9.02 3.23
CA PRO A 12 0.46 -7.96 4.15
C PRO A 12 0.86 -6.69 3.42
N TYR A 13 1.14 -6.83 2.12
CA TYR A 13 1.54 -5.69 1.31
C TYR A 13 0.35 -5.09 0.57
N LYS A 14 -0.49 -4.36 1.29
CA LYS A 14 -1.66 -3.73 0.71
C LYS A 14 -1.54 -2.21 0.74
N CYS A 15 -1.73 -1.58 -0.41
CA CYS A 15 -1.65 -0.14 -0.51
C CYS A 15 -2.76 0.54 0.30
N ASN A 16 -2.37 1.33 1.28
CA ASN A 16 -3.34 2.03 2.13
C ASN A 16 -3.33 3.53 1.84
N GLU A 17 -3.01 3.89 0.60
CA GLU A 17 -2.98 5.28 0.19
C GLU A 17 -3.99 5.56 -0.91
N CYS A 18 -4.14 4.60 -1.82
CA CYS A 18 -5.10 4.74 -2.92
C CYS A 18 -6.18 3.69 -2.84
N GLY A 19 -5.84 2.52 -2.29
CA GLY A 19 -6.80 1.45 -2.15
C GLY A 19 -6.47 0.27 -3.04
N LYS A 20 -5.57 -0.60 -2.58
CA LYS A 20 -5.17 -1.77 -3.34
C LYS A 20 -4.71 -2.89 -2.40
N ALA A 21 -4.29 -4.01 -3.00
CA ALA A 21 -3.83 -5.15 -2.22
C ALA A 21 -2.90 -6.03 -3.06
N PHE A 22 -1.70 -6.28 -2.54
CA PHE A 22 -0.72 -7.11 -3.24
C PHE A 22 -0.24 -8.25 -2.34
N ARG A 23 0.49 -9.18 -2.94
CA ARG A 23 1.00 -10.33 -2.20
C ARG A 23 2.50 -10.22 -2.00
N ALA A 24 3.18 -9.57 -2.94
CA ALA A 24 4.63 -9.39 -2.86
C ALA A 24 4.98 -7.96 -2.48
N HIS A 25 6.26 -7.73 -2.18
CA HIS A 25 6.73 -6.41 -1.80
C HIS A 25 7.11 -5.59 -3.02
N SER A 26 7.70 -6.27 -4.01
CA SER A 26 8.12 -5.60 -5.24
C SER A 26 6.95 -4.92 -5.93
N ASN A 27 5.78 -5.56 -5.85
CA ASN A 27 4.58 -5.01 -6.47
C ASN A 27 4.15 -3.72 -5.78
N LEU A 28 4.32 -3.67 -4.46
CA LEU A 28 3.96 -2.50 -3.68
C LEU A 28 4.91 -1.34 -3.97
N THR A 29 6.20 -1.57 -3.73
CA THR A 29 7.21 -0.55 -3.97
C THR A 29 7.10 0.03 -5.37
N THR A 30 7.06 -0.85 -6.37
CA THR A 30 6.95 -0.42 -7.76
C THR A 30 5.66 0.35 -8.00
N HIS A 31 4.66 0.09 -7.16
CA HIS A 31 3.37 0.76 -7.28
C HIS A 31 3.38 2.10 -6.56
N GLN A 32 4.26 2.23 -5.57
CA GLN A 32 4.36 3.46 -4.80
C GLN A 32 5.00 4.56 -5.63
N VAL A 33 5.53 4.20 -6.80
CA VAL A 33 6.16 5.17 -7.69
C VAL A 33 5.25 6.36 -7.94
N ILE A 34 3.96 6.09 -8.14
CA ILE A 34 2.99 7.15 -8.39
C ILE A 34 2.77 8.01 -7.14
N HIS A 35 2.93 7.39 -5.97
CA HIS A 35 2.76 8.09 -4.70
C HIS A 35 4.00 8.90 -4.35
N THR A 36 5.08 8.19 -4.00
CA THR A 36 6.33 8.83 -3.64
C THR A 36 7.13 9.21 -4.88
N GLY A 37 8.07 10.13 -4.72
CA GLY A 37 8.90 10.55 -5.83
C GLY A 37 8.43 11.86 -6.43
N GLU A 38 7.24 11.83 -7.03
CA GLU A 38 6.68 13.03 -7.65
C GLU A 38 6.03 13.93 -6.62
N LYS A 39 6.00 15.23 -6.90
CA LYS A 39 5.41 16.20 -5.99
C LYS A 39 6.12 16.18 -4.63
N PRO A 40 7.35 16.70 -4.61
CA PRO A 40 8.16 16.75 -3.39
C PRO A 40 7.62 17.75 -2.38
N SER A 41 7.01 17.24 -1.31
CA SER A 41 6.44 18.08 -0.26
C SER A 41 7.33 18.08 0.98
N GLY A 42 7.49 19.26 1.59
CA GLY A 42 8.31 19.36 2.78
C GLY A 42 8.28 20.76 3.37
N PRO A 43 7.15 21.13 3.97
CA PRO A 43 6.96 22.45 4.59
C PRO A 43 7.80 22.60 5.86
N SER A 44 8.04 21.50 6.56
CA SER A 44 8.82 21.52 7.78
C SER A 44 10.09 20.68 7.63
N SER A 45 11.22 21.26 8.04
CA SER A 45 12.49 20.57 7.95
C SER A 45 12.99 20.14 9.34
N GLY A 46 13.16 21.13 10.21
CA GLY A 46 13.63 20.84 11.57
C GLY A 46 12.56 20.15 12.41
N GLY A 1 -24.05 3.08 4.44
CA GLY A 1 -22.74 2.52 4.16
C GLY A 1 -21.90 2.35 5.41
N SER A 2 -22.05 1.21 6.07
CA SER A 2 -21.30 0.93 7.29
C SER A 2 -19.96 0.29 6.97
N SER A 3 -18.90 1.10 7.01
CA SER A 3 -17.55 0.61 6.72
C SER A 3 -17.06 -0.31 7.84
N GLY A 4 -16.43 -1.41 7.44
CA GLY A 4 -15.92 -2.36 8.43
C GLY A 4 -15.70 -3.74 7.84
N SER A 5 -14.91 -3.80 6.77
CA SER A 5 -14.62 -5.08 6.11
C SER A 5 -13.21 -5.55 6.43
N SER A 6 -12.99 -6.85 6.31
CA SER A 6 -11.68 -7.43 6.59
C SER A 6 -11.30 -8.46 5.53
N GLY A 7 -10.10 -9.01 5.64
CA GLY A 7 -9.64 -10.01 4.68
C GLY A 7 -8.35 -10.67 5.12
N THR A 8 -8.35 -12.00 5.16
CA THR A 8 -7.18 -12.76 5.56
C THR A 8 -6.79 -13.78 4.51
N GLY A 9 -5.54 -13.73 4.06
CA GLY A 9 -5.08 -14.67 3.04
C GLY A 9 -3.59 -14.52 2.77
N GLU A 10 -3.24 -14.43 1.49
CA GLU A 10 -1.85 -14.28 1.08
C GLU A 10 -1.59 -12.90 0.49
N LYS A 11 -1.76 -11.88 1.32
CA LYS A 11 -1.55 -10.49 0.88
C LYS A 11 -1.24 -9.59 2.07
N PRO A 12 -0.04 -9.76 2.65
CA PRO A 12 0.40 -8.97 3.81
C PRO A 12 0.67 -7.51 3.43
N TYR A 13 0.91 -7.27 2.14
CA TYR A 13 1.18 -5.93 1.67
C TYR A 13 -0.05 -5.31 1.00
N LYS A 14 -0.59 -4.27 1.62
CA LYS A 14 -1.78 -3.60 1.08
C LYS A 14 -1.57 -2.09 1.04
N CYS A 15 -1.76 -1.51 -0.14
CA CYS A 15 -1.59 -0.07 -0.31
C CYS A 15 -2.67 0.70 0.45
N ASN A 16 -2.25 1.46 1.46
CA ASN A 16 -3.18 2.23 2.27
C ASN A 16 -3.13 3.71 1.86
N GLU A 17 -2.75 3.97 0.62
CA GLU A 17 -2.68 5.33 0.11
C GLU A 17 -3.77 5.61 -0.92
N CYS A 18 -4.00 4.63 -1.80
CA CYS A 18 -5.01 4.76 -2.83
C CYS A 18 -6.10 3.71 -2.65
N GLY A 19 -5.72 2.55 -2.10
CA GLY A 19 -6.67 1.49 -1.89
C GLY A 19 -6.44 0.31 -2.83
N LYS A 20 -5.50 -0.55 -2.47
CA LYS A 20 -5.18 -1.72 -3.29
C LYS A 20 -4.66 -2.86 -2.43
N ALA A 21 -4.34 -3.98 -3.06
CA ALA A 21 -3.84 -5.14 -2.35
C ALA A 21 -2.88 -5.96 -3.23
N PHE A 22 -1.67 -6.17 -2.74
CA PHE A 22 -0.67 -6.92 -3.48
C PHE A 22 -0.27 -8.19 -2.73
N ARG A 23 0.47 -9.07 -3.40
CA ARG A 23 0.91 -10.32 -2.80
C ARG A 23 2.40 -10.28 -2.50
N ALA A 24 3.15 -9.57 -3.34
CA ALA A 24 4.59 -9.45 -3.16
C ALA A 24 4.98 -8.04 -2.71
N HIS A 25 6.12 -7.93 -2.04
CA HIS A 25 6.59 -6.64 -1.56
C HIS A 25 7.05 -5.76 -2.72
N SER A 26 7.72 -6.36 -3.69
CA SER A 26 8.21 -5.63 -4.85
C SER A 26 7.08 -4.86 -5.52
N ASN A 27 5.95 -5.53 -5.71
CA ASN A 27 4.79 -4.90 -6.35
C ASN A 27 4.41 -3.60 -5.63
N LEU A 28 4.41 -3.64 -4.30
CA LEU A 28 4.06 -2.47 -3.50
C LEU A 28 5.03 -1.33 -3.78
N THR A 29 6.31 -1.57 -3.54
CA THR A 29 7.34 -0.56 -3.76
C THR A 29 7.23 0.03 -5.16
N THR A 30 7.11 -0.84 -6.15
CA THR A 30 7.00 -0.41 -7.55
C THR A 30 5.70 0.35 -7.79
N HIS A 31 4.70 0.09 -6.95
CA HIS A 31 3.41 0.75 -7.07
C HIS A 31 3.42 2.10 -6.35
N GLN A 32 4.32 2.24 -5.38
CA GLN A 32 4.43 3.47 -4.62
C GLN A 32 4.97 4.60 -5.49
N VAL A 33 5.49 4.24 -6.66
CA VAL A 33 6.05 5.21 -7.59
C VAL A 33 5.07 6.36 -7.83
N ILE A 34 3.88 6.03 -8.33
CA ILE A 34 2.86 7.03 -8.60
C ILE A 34 2.63 7.92 -7.39
N HIS A 35 2.82 7.36 -6.20
CA HIS A 35 2.62 8.10 -4.96
C HIS A 35 3.83 8.99 -4.66
N THR A 36 5.02 8.51 -5.03
CA THR A 36 6.24 9.26 -4.81
C THR A 36 6.45 10.31 -5.89
N GLY A 37 6.58 11.57 -5.48
CA GLY A 37 6.79 12.65 -6.44
C GLY A 37 6.09 13.94 -6.01
N GLU A 38 5.10 13.80 -5.14
CA GLU A 38 4.35 14.97 -4.66
C GLU A 38 4.72 15.29 -3.22
N LYS A 39 4.22 14.48 -2.30
CA LYS A 39 4.50 14.67 -0.87
C LYS A 39 6.00 14.56 -0.59
N PRO A 40 6.42 15.10 0.56
CA PRO A 40 7.83 15.07 0.97
C PRO A 40 8.29 13.67 1.35
N SER A 41 9.25 13.15 0.60
CA SER A 41 9.78 11.82 0.86
C SER A 41 11.26 11.88 1.22
N GLY A 42 11.72 10.89 1.98
CA GLY A 42 13.11 10.84 2.39
C GLY A 42 13.71 9.47 2.23
N PRO A 43 14.96 9.31 2.70
CA PRO A 43 15.69 8.04 2.62
C PRO A 43 15.10 6.98 3.55
N SER A 44 14.80 7.38 4.78
CA SER A 44 14.23 6.46 5.76
C SER A 44 12.85 6.00 5.34
N SER A 45 12.64 4.68 5.33
CA SER A 45 11.36 4.10 4.94
C SER A 45 10.94 4.61 3.57
N GLY A 46 11.88 4.65 2.63
CA GLY A 46 11.58 5.12 1.29
C GLY A 46 11.27 3.99 0.33
N GLY A 1 -26.57 -20.07 6.13
CA GLY A 1 -25.61 -19.44 7.01
C GLY A 1 -25.60 -17.93 6.87
N SER A 2 -24.43 -17.33 7.02
CA SER A 2 -24.30 -15.88 6.91
C SER A 2 -23.85 -15.48 5.51
N SER A 3 -23.78 -14.17 5.27
CA SER A 3 -23.37 -13.65 3.97
C SER A 3 -21.90 -13.24 3.99
N GLY A 4 -21.02 -14.20 3.75
CA GLY A 4 -19.60 -13.93 3.74
C GLY A 4 -19.05 -13.76 2.35
N SER A 5 -18.95 -12.51 1.90
CA SER A 5 -18.43 -12.21 0.57
C SER A 5 -16.95 -12.52 0.47
N SER A 6 -16.19 -12.09 1.47
CA SER A 6 -14.75 -12.33 1.49
C SER A 6 -14.40 -13.48 2.41
N GLY A 7 -13.12 -13.83 2.46
CA GLY A 7 -12.68 -14.92 3.32
C GLY A 7 -11.27 -14.73 3.82
N THR A 8 -10.32 -15.44 3.21
CA THR A 8 -8.92 -15.35 3.60
C THR A 8 -8.00 -15.51 2.40
N GLY A 9 -6.76 -15.06 2.54
CA GLY A 9 -5.80 -15.17 1.46
C GLY A 9 -4.39 -14.78 1.89
N GLU A 10 -3.51 -14.60 0.91
CA GLU A 10 -2.13 -14.24 1.20
C GLU A 10 -1.78 -12.88 0.60
N LYS A 11 -2.02 -11.82 1.36
CA LYS A 11 -1.74 -10.47 0.90
C LYS A 11 -1.49 -9.53 2.08
N PRO A 12 -0.33 -9.69 2.73
CA PRO A 12 0.04 -8.87 3.89
C PRO A 12 0.35 -7.42 3.50
N TYR A 13 0.69 -7.21 2.23
CA TYR A 13 1.00 -5.88 1.74
C TYR A 13 -0.22 -5.26 1.05
N LYS A 14 -0.55 -4.04 1.45
CA LYS A 14 -1.70 -3.33 0.88
C LYS A 14 -1.44 -1.83 0.85
N CYS A 15 -1.44 -1.25 -0.35
CA CYS A 15 -1.23 0.18 -0.51
C CYS A 15 -2.17 0.98 0.37
N ASN A 16 -1.59 1.85 1.21
CA ASN A 16 -2.38 2.68 2.11
C ASN A 16 -2.46 4.11 1.59
N GLU A 17 -2.53 4.25 0.26
CA GLU A 17 -2.63 5.57 -0.35
C GLU A 17 -3.81 5.64 -1.32
N CYS A 18 -4.01 4.56 -2.08
CA CYS A 18 -5.10 4.49 -3.03
C CYS A 18 -6.11 3.42 -2.64
N GLY A 19 -5.62 2.38 -1.96
CA GLY A 19 -6.49 1.30 -1.53
C GLY A 19 -6.40 0.09 -2.44
N LYS A 20 -5.27 -0.62 -2.36
CA LYS A 20 -5.05 -1.81 -3.18
C LYS A 20 -4.43 -2.93 -2.35
N ALA A 21 -4.33 -4.11 -2.96
CA ALA A 21 -3.75 -5.27 -2.29
C ALA A 21 -2.76 -6.00 -3.18
N PHE A 22 -1.54 -6.15 -2.70
CA PHE A 22 -0.49 -6.82 -3.46
C PHE A 22 0.04 -8.03 -2.70
N ARG A 23 0.19 -9.16 -3.40
CA ARG A 23 0.67 -10.38 -2.80
C ARG A 23 2.19 -10.33 -2.63
N ALA A 24 2.87 -9.67 -3.57
CA ALA A 24 4.31 -9.55 -3.53
C ALA A 24 4.75 -8.19 -2.97
N HIS A 25 5.87 -8.17 -2.29
CA HIS A 25 6.40 -6.94 -1.71
C HIS A 25 7.01 -6.05 -2.78
N SER A 26 7.67 -6.67 -3.76
CA SER A 26 8.31 -5.94 -4.84
C SER A 26 7.28 -5.12 -5.63
N ASN A 27 6.03 -5.59 -5.62
CA ASN A 27 4.96 -4.92 -6.34
C ASN A 27 4.56 -3.64 -5.62
N LEU A 28 4.61 -3.66 -4.30
CA LEU A 28 4.26 -2.50 -3.49
C LEU A 28 5.24 -1.36 -3.71
N THR A 29 6.51 -1.63 -3.48
CA THR A 29 7.56 -0.62 -3.66
C THR A 29 7.52 -0.05 -5.06
N THR A 30 7.11 -0.87 -6.03
CA THR A 30 7.04 -0.43 -7.42
C THR A 30 5.74 0.31 -7.69
N HIS A 31 4.72 0.02 -6.89
CA HIS A 31 3.41 0.66 -7.05
C HIS A 31 3.38 2.00 -6.32
N GLN A 32 4.25 2.16 -5.33
CA GLN A 32 4.32 3.39 -4.56
C GLN A 32 4.86 4.54 -5.40
N VAL A 33 5.39 4.19 -6.57
CA VAL A 33 5.94 5.20 -7.47
C VAL A 33 4.94 6.32 -7.72
N ILE A 34 3.79 5.96 -8.27
CA ILE A 34 2.74 6.94 -8.57
C ILE A 34 2.43 7.80 -7.33
N HIS A 35 2.61 7.21 -6.15
CA HIS A 35 2.35 7.93 -4.91
C HIS A 35 3.63 8.57 -4.38
N THR A 36 4.41 9.15 -5.27
CA THR A 36 5.66 9.81 -4.90
C THR A 36 5.41 11.21 -4.37
N GLY A 37 4.69 12.01 -5.15
CA GLY A 37 4.40 13.38 -4.74
C GLY A 37 3.59 13.43 -3.46
N GLU A 38 2.76 12.41 -3.24
CA GLU A 38 1.93 12.35 -2.05
C GLU A 38 2.78 12.41 -0.79
N LYS A 39 2.57 13.45 0.02
CA LYS A 39 3.33 13.61 1.26
C LYS A 39 2.47 13.24 2.46
N PRO A 40 3.12 12.96 3.60
CA PRO A 40 2.45 12.58 4.84
C PRO A 40 1.69 13.76 5.46
N SER A 41 0.75 13.44 6.35
CA SER A 41 -0.05 14.46 7.01
C SER A 41 0.47 14.72 8.43
N GLY A 42 1.02 13.68 9.04
CA GLY A 42 1.53 13.81 10.40
C GLY A 42 1.48 12.51 11.17
N PRO A 43 2.29 11.53 10.75
CA PRO A 43 2.34 10.22 11.39
C PRO A 43 2.97 10.27 12.78
N SER A 44 3.77 11.31 13.02
CA SER A 44 4.43 11.48 14.31
C SER A 44 5.32 10.28 14.63
N SER A 45 5.94 9.74 13.59
CA SER A 45 6.84 8.59 13.75
C SER A 45 8.10 8.98 14.49
N GLY A 46 9.03 8.04 14.62
CA GLY A 46 10.28 8.31 15.29
C GLY A 46 11.48 7.73 14.57
N GLY A 1 -20.54 -18.09 -0.07
CA GLY A 1 -19.12 -17.81 -0.19
C GLY A 1 -18.45 -17.68 1.16
N SER A 2 -17.62 -16.64 1.32
CA SER A 2 -16.90 -16.41 2.55
C SER A 2 -16.11 -17.65 2.97
N SER A 3 -15.57 -18.35 1.98
CA SER A 3 -14.80 -19.57 2.25
C SER A 3 -13.31 -19.31 2.05
N GLY A 4 -12.98 -18.53 1.02
CA GLY A 4 -11.59 -18.23 0.73
C GLY A 4 -10.89 -19.35 -0.02
N SER A 5 -9.62 -19.14 -0.34
CA SER A 5 -8.85 -20.13 -1.07
C SER A 5 -7.59 -20.51 -0.28
N SER A 6 -7.35 -21.82 -0.16
CA SER A 6 -6.19 -22.33 0.56
C SER A 6 -4.97 -22.43 -0.35
N GLY A 7 -3.83 -21.99 0.13
CA GLY A 7 -2.61 -22.04 -0.65
C GLY A 7 -2.13 -20.66 -1.07
N THR A 8 -1.23 -20.09 -0.27
CA THR A 8 -0.69 -18.76 -0.57
C THR A 8 -1.79 -17.70 -0.52
N GLY A 9 -2.69 -17.83 0.44
CA GLY A 9 -3.77 -16.87 0.57
C GLY A 9 -3.48 -15.78 1.59
N GLU A 10 -2.51 -14.93 1.27
CA GLU A 10 -2.12 -13.85 2.16
C GLU A 10 -1.77 -12.59 1.37
N LYS A 11 -1.93 -11.44 2.00
CA LYS A 11 -1.63 -10.16 1.35
C LYS A 11 -1.21 -9.12 2.38
N PRO A 12 -0.02 -9.32 2.97
CA PRO A 12 0.53 -8.41 3.98
C PRO A 12 0.94 -7.06 3.39
N TYR A 13 1.10 -7.04 2.07
CA TYR A 13 1.49 -5.81 1.38
C TYR A 13 0.29 -5.19 0.66
N LYS A 14 -0.45 -4.35 1.37
CA LYS A 14 -1.62 -3.68 0.80
C LYS A 14 -1.45 -2.17 0.83
N CYS A 15 -1.60 -1.55 -0.33
CA CYS A 15 -1.46 -0.10 -0.46
C CYS A 15 -2.53 0.61 0.38
N ASN A 16 -2.08 1.53 1.24
CA ASN A 16 -2.99 2.28 2.09
C ASN A 16 -3.03 3.75 1.67
N GLU A 17 -2.76 4.01 0.40
CA GLU A 17 -2.77 5.37 -0.12
C GLU A 17 -3.90 5.56 -1.12
N CYS A 18 -4.11 4.56 -1.97
CA CYS A 18 -5.17 4.62 -2.98
C CYS A 18 -6.26 3.60 -2.68
N GLY A 19 -5.85 2.45 -2.14
CA GLY A 19 -6.81 1.40 -1.82
C GLY A 19 -6.65 0.18 -2.70
N LYS A 20 -5.60 -0.60 -2.44
CA LYS A 20 -5.32 -1.80 -3.21
C LYS A 20 -4.75 -2.90 -2.34
N ALA A 21 -4.45 -4.04 -2.94
CA ALA A 21 -3.89 -5.18 -2.21
C ALA A 21 -2.96 -5.99 -3.09
N PHE A 22 -1.73 -6.18 -2.62
CA PHE A 22 -0.74 -6.94 -3.38
C PHE A 22 -0.32 -8.20 -2.60
N ARG A 23 0.39 -9.10 -3.28
CA ARG A 23 0.85 -10.33 -2.67
C ARG A 23 2.35 -10.27 -2.38
N ALA A 24 3.07 -9.53 -3.22
CA ALA A 24 4.52 -9.40 -3.05
C ALA A 24 4.90 -7.97 -2.68
N HIS A 25 6.07 -7.80 -2.08
CA HIS A 25 6.54 -6.49 -1.68
C HIS A 25 7.02 -5.68 -2.89
N SER A 26 7.64 -6.38 -3.85
CA SER A 26 8.15 -5.73 -5.05
C SER A 26 7.05 -4.94 -5.75
N ASN A 27 5.83 -5.47 -5.68
CA ASN A 27 4.68 -4.83 -6.32
C ASN A 27 4.31 -3.55 -5.59
N LEU A 28 4.36 -3.58 -4.26
CA LEU A 28 4.03 -2.42 -3.45
C LEU A 28 4.99 -1.28 -3.72
N THR A 29 6.29 -1.53 -3.53
CA THR A 29 7.31 -0.52 -3.75
C THR A 29 7.25 0.03 -5.17
N THR A 30 7.09 -0.87 -6.14
CA THR A 30 7.00 -0.48 -7.54
C THR A 30 5.71 0.29 -7.82
N HIS A 31 4.70 0.06 -7.00
CA HIS A 31 3.42 0.73 -7.16
C HIS A 31 3.42 2.09 -6.48
N GLN A 32 4.31 2.24 -5.48
CA GLN A 32 4.41 3.50 -4.75
C GLN A 32 5.02 4.59 -5.62
N VAL A 33 5.54 4.20 -6.78
CA VAL A 33 6.14 5.16 -7.70
C VAL A 33 5.21 6.33 -7.98
N ILE A 34 3.95 6.01 -8.32
CA ILE A 34 2.95 7.03 -8.61
C ILE A 34 2.70 7.91 -7.38
N HIS A 35 2.85 7.32 -6.20
CA HIS A 35 2.64 8.04 -4.95
C HIS A 35 3.84 8.92 -4.62
N THR A 36 4.91 8.28 -4.16
CA THR A 36 6.13 9.01 -3.80
C THR A 36 6.59 9.91 -4.93
N GLY A 37 6.27 9.52 -6.17
CA GLY A 37 6.66 10.31 -7.32
C GLY A 37 5.72 11.48 -7.57
N GLU A 38 5.57 11.84 -8.83
CA GLU A 38 4.69 12.95 -9.19
C GLU A 38 3.29 12.76 -8.64
N LYS A 39 2.80 13.74 -7.88
CA LYS A 39 1.47 13.66 -7.30
C LYS A 39 0.39 13.71 -8.37
N PRO A 40 -0.82 13.25 -8.02
CA PRO A 40 -1.96 13.23 -8.95
C PRO A 40 -2.46 14.62 -9.27
N SER A 41 -2.54 15.48 -8.25
CA SER A 41 -3.01 16.85 -8.42
C SER A 41 -2.82 17.66 -7.16
N GLY A 42 -1.94 18.66 -7.22
CA GLY A 42 -1.68 19.49 -6.07
C GLY A 42 -1.13 18.71 -4.90
N PRO A 43 -0.88 19.40 -3.78
CA PRO A 43 -0.34 18.78 -2.56
C PRO A 43 -1.37 17.87 -1.88
N SER A 44 -1.04 16.59 -1.78
CA SER A 44 -1.93 15.62 -1.16
C SER A 44 -2.19 15.98 0.29
N SER A 45 -1.17 16.49 0.97
CA SER A 45 -1.28 16.87 2.37
C SER A 45 -1.63 15.66 3.24
N GLY A 46 -1.09 14.50 2.87
CA GLY A 46 -1.35 13.29 3.62
C GLY A 46 -0.45 12.14 3.19
N GLY A 1 -23.59 -13.91 13.13
CA GLY A 1 -23.61 -14.35 11.75
C GLY A 1 -22.27 -14.18 11.06
N SER A 2 -21.75 -15.27 10.49
CA SER A 2 -20.47 -15.24 9.80
C SER A 2 -20.62 -15.66 8.35
N SER A 3 -20.48 -14.70 7.44
CA SER A 3 -20.60 -14.97 6.01
C SER A 3 -20.16 -13.77 5.19
N GLY A 4 -19.36 -14.04 4.15
CA GLY A 4 -18.88 -12.96 3.30
C GLY A 4 -17.41 -12.68 3.51
N SER A 5 -16.62 -13.74 3.64
CA SER A 5 -15.17 -13.59 3.86
C SER A 5 -14.41 -13.83 2.56
N SER A 6 -13.61 -12.84 2.16
CA SER A 6 -12.83 -12.92 0.93
C SER A 6 -11.39 -12.49 1.18
N GLY A 7 -10.48 -12.98 0.33
CA GLY A 7 -9.08 -12.62 0.48
C GLY A 7 -8.16 -13.73 -0.01
N THR A 8 -7.07 -13.34 -0.66
CA THR A 8 -6.11 -14.31 -1.19
C THR A 8 -5.07 -14.69 -0.12
N GLY A 9 -5.51 -15.49 0.86
CA GLY A 9 -4.61 -15.90 1.91
C GLY A 9 -4.04 -14.74 2.68
N GLU A 10 -2.73 -14.75 2.87
CA GLU A 10 -2.04 -13.69 3.61
C GLU A 10 -1.78 -12.49 2.70
N LYS A 11 -2.15 -11.29 3.17
CA LYS A 11 -1.94 -10.07 2.40
C LYS A 11 -1.21 -9.02 3.24
N PRO A 12 0.09 -9.24 3.45
CA PRO A 12 0.94 -8.33 4.23
C PRO A 12 1.17 -7.01 3.50
N TYR A 13 0.91 -7.00 2.20
CA TYR A 13 1.10 -5.80 1.40
C TYR A 13 -0.23 -5.26 0.90
N LYS A 14 -0.68 -4.17 1.51
CA LYS A 14 -1.96 -3.55 1.13
C LYS A 14 -1.83 -2.04 1.09
N CYS A 15 -1.83 -1.48 -0.12
CA CYS A 15 -1.71 -0.03 -0.29
C CYS A 15 -2.86 0.69 0.42
N ASN A 16 -2.53 1.38 1.51
CA ASN A 16 -3.52 2.12 2.28
C ASN A 16 -3.47 3.61 1.94
N GLU A 17 -3.14 3.92 0.69
CA GLU A 17 -3.06 5.30 0.25
C GLU A 17 -4.03 5.57 -0.89
N CYS A 18 -4.19 4.58 -1.77
CA CYS A 18 -5.09 4.70 -2.91
C CYS A 18 -6.22 3.68 -2.82
N GLY A 19 -5.93 2.54 -2.21
CA GLY A 19 -6.93 1.49 -2.07
C GLY A 19 -6.65 0.29 -2.94
N LYS A 20 -5.61 -0.46 -2.60
CA LYS A 20 -5.22 -1.64 -3.37
C LYS A 20 -4.70 -2.73 -2.45
N ALA A 21 -4.33 -3.87 -3.04
CA ALA A 21 -3.81 -4.99 -2.26
C ALA A 21 -2.92 -5.88 -3.13
N PHE A 22 -1.69 -6.09 -2.68
CA PHE A 22 -0.73 -6.92 -3.41
C PHE A 22 -0.32 -8.13 -2.58
N ARG A 23 0.41 -9.04 -3.21
CA ARG A 23 0.87 -10.25 -2.53
C ARG A 23 2.39 -10.22 -2.34
N ALA A 24 3.08 -9.57 -3.27
CA ALA A 24 4.53 -9.47 -3.20
C ALA A 24 4.97 -8.09 -2.71
N HIS A 25 6.25 -7.96 -2.36
CA HIS A 25 6.79 -6.70 -1.88
C HIS A 25 7.24 -5.82 -3.04
N SER A 26 7.95 -6.42 -3.99
CA SER A 26 8.43 -5.70 -5.15
C SER A 26 7.29 -4.99 -5.88
N ASN A 27 6.11 -5.58 -5.81
CA ASN A 27 4.93 -5.02 -6.46
C ASN A 27 4.49 -3.72 -5.76
N LEU A 28 4.55 -3.73 -4.43
CA LEU A 28 4.17 -2.56 -3.65
C LEU A 28 5.11 -1.39 -3.91
N THR A 29 6.40 -1.63 -3.71
CA THR A 29 7.41 -0.60 -3.92
C THR A 29 7.31 -0.02 -5.32
N THR A 30 7.13 -0.89 -6.30
CA THR A 30 7.02 -0.45 -7.70
C THR A 30 5.71 0.29 -7.94
N HIS A 31 4.72 0.03 -7.10
CA HIS A 31 3.42 0.67 -7.23
C HIS A 31 3.42 2.01 -6.51
N GLN A 32 4.30 2.16 -5.51
CA GLN A 32 4.38 3.39 -4.75
C GLN A 32 5.01 4.50 -5.58
N VAL A 33 5.54 4.14 -6.75
CA VAL A 33 6.17 5.10 -7.64
C VAL A 33 5.25 6.29 -7.90
N ILE A 34 3.97 6.01 -8.06
CA ILE A 34 2.98 7.06 -8.30
C ILE A 34 2.76 7.92 -7.06
N HIS A 35 2.92 7.30 -5.90
CA HIS A 35 2.75 8.01 -4.63
C HIS A 35 3.99 8.81 -4.28
N THR A 36 5.14 8.38 -4.79
CA THR A 36 6.40 9.06 -4.53
C THR A 36 6.52 10.35 -5.35
N GLY A 37 7.09 11.38 -4.74
CA GLY A 37 7.25 12.65 -5.44
C GLY A 37 7.33 13.82 -4.48
N GLU A 38 8.41 13.86 -3.70
CA GLU A 38 8.61 14.94 -2.74
C GLU A 38 9.77 15.84 -3.16
N LYS A 39 9.48 17.11 -3.37
CA LYS A 39 10.49 18.08 -3.78
C LYS A 39 10.82 19.04 -2.64
N PRO A 40 11.99 19.69 -2.73
CA PRO A 40 12.44 20.65 -1.72
C PRO A 40 11.62 21.93 -1.72
N SER A 41 10.94 22.18 -0.60
CA SER A 41 10.11 23.37 -0.47
C SER A 41 10.71 24.35 0.55
N GLY A 42 11.59 25.22 0.06
CA GLY A 42 12.22 26.20 0.92
C GLY A 42 12.20 27.59 0.34
N PRO A 43 12.70 28.57 1.11
CA PRO A 43 12.75 29.97 0.68
C PRO A 43 13.78 30.20 -0.43
N SER A 44 13.63 31.30 -1.15
CA SER A 44 14.55 31.63 -2.23
C SER A 44 15.55 32.69 -1.79
N SER A 45 16.84 32.39 -2.00
CA SER A 45 17.90 33.31 -1.62
C SER A 45 18.55 33.93 -2.86
N GLY A 46 19.38 34.95 -2.63
CA GLY A 46 20.06 35.61 -3.73
C GLY A 46 21.40 36.17 -3.33
N GLY A 1 -30.79 -12.62 1.73
CA GLY A 1 -30.17 -13.94 1.77
C GLY A 1 -28.68 -13.88 1.48
N SER A 2 -27.96 -13.06 2.24
CA SER A 2 -26.52 -12.92 2.05
C SER A 2 -25.76 -14.00 2.81
N SER A 3 -24.49 -14.19 2.46
CA SER A 3 -23.66 -15.19 3.11
C SER A 3 -23.30 -14.76 4.53
N GLY A 4 -23.17 -15.75 5.42
CA GLY A 4 -22.83 -15.46 6.80
C GLY A 4 -21.35 -15.23 7.00
N SER A 5 -20.60 -16.33 7.16
CA SER A 5 -19.16 -16.24 7.36
C SER A 5 -18.41 -16.94 6.23
N SER A 6 -17.64 -16.17 5.48
CA SER A 6 -16.87 -16.72 4.37
C SER A 6 -15.39 -16.86 4.75
N GLY A 7 -14.84 -15.81 5.35
CA GLY A 7 -13.44 -15.85 5.75
C GLY A 7 -12.67 -14.63 5.27
N THR A 8 -11.42 -14.52 5.70
CA THR A 8 -10.58 -13.39 5.31
C THR A 8 -9.43 -13.85 4.40
N GLY A 9 -8.78 -12.89 3.77
CA GLY A 9 -7.67 -13.22 2.87
C GLY A 9 -6.83 -12.00 2.54
N GLU A 10 -6.68 -11.11 3.51
CA GLU A 10 -5.89 -9.89 3.30
C GLU A 10 -4.40 -10.22 3.21
N LYS A 11 -3.66 -9.40 2.47
CA LYS A 11 -2.23 -9.60 2.31
C LYS A 11 -1.44 -8.62 3.15
N PRO A 12 -0.17 -8.96 3.44
CA PRO A 12 0.72 -8.12 4.24
C PRO A 12 1.12 -6.84 3.52
N TYR A 13 0.99 -6.84 2.20
CA TYR A 13 1.33 -5.68 1.40
C TYR A 13 0.08 -4.99 0.86
N LYS A 14 -0.40 -3.99 1.60
CA LYS A 14 -1.60 -3.25 1.21
C LYS A 14 -1.28 -1.77 1.02
N CYS A 15 -1.78 -1.20 -0.07
CA CYS A 15 -1.55 0.21 -0.36
C CYS A 15 -2.60 1.08 0.31
N ASN A 16 -2.16 1.84 1.33
CA ASN A 16 -3.06 2.72 2.07
C ASN A 16 -3.03 4.13 1.49
N GLU A 17 -3.02 4.22 0.17
CA GLU A 17 -2.98 5.51 -0.51
C GLU A 17 -4.11 5.62 -1.54
N CYS A 18 -4.28 4.56 -2.33
CA CYS A 18 -5.32 4.53 -3.35
C CYS A 18 -6.41 3.53 -2.98
N GLY A 19 -6.02 2.48 -2.27
CA GLY A 19 -6.99 1.47 -1.87
C GLY A 19 -6.80 0.16 -2.62
N LYS A 20 -5.59 -0.39 -2.56
CA LYS A 20 -5.29 -1.64 -3.24
C LYS A 20 -4.61 -2.63 -2.30
N ALA A 21 -4.28 -3.80 -2.81
CA ALA A 21 -3.64 -4.84 -2.01
C ALA A 21 -2.87 -5.82 -2.90
N PHE A 22 -1.57 -5.96 -2.64
CA PHE A 22 -0.73 -6.85 -3.42
C PHE A 22 -0.25 -8.02 -2.55
N ARG A 23 0.41 -8.98 -3.19
CA ARG A 23 0.92 -10.15 -2.48
C ARG A 23 2.45 -10.15 -2.47
N ALA A 24 3.04 -9.57 -3.52
CA ALA A 24 4.49 -9.51 -3.63
C ALA A 24 5.03 -8.18 -3.10
N HIS A 25 6.19 -8.23 -2.46
CA HIS A 25 6.80 -7.02 -1.91
C HIS A 25 7.38 -6.14 -3.02
N SER A 26 7.90 -6.78 -4.07
CA SER A 26 8.47 -6.06 -5.20
C SER A 26 7.41 -5.23 -5.92
N ASN A 27 6.23 -5.84 -6.10
CA ASN A 27 5.13 -5.16 -6.78
C ASN A 27 4.70 -3.90 -6.02
N LEU A 28 4.57 -4.03 -4.70
CA LEU A 28 4.17 -2.91 -3.86
C LEU A 28 5.18 -1.76 -3.98
N THR A 29 6.45 -2.07 -3.80
CA THR A 29 7.50 -1.06 -3.90
C THR A 29 7.49 -0.37 -5.25
N THR A 30 7.01 -1.08 -6.27
CA THR A 30 6.94 -0.53 -7.62
C THR A 30 5.67 0.27 -7.82
N HIS A 31 4.64 -0.04 -7.03
CA HIS A 31 3.37 0.66 -7.12
C HIS A 31 3.39 1.95 -6.30
N GLN A 32 4.30 2.00 -5.32
CA GLN A 32 4.42 3.17 -4.46
C GLN A 32 4.96 4.37 -5.24
N VAL A 33 5.46 4.10 -6.45
CA VAL A 33 6.01 5.15 -7.30
C VAL A 33 5.03 6.30 -7.44
N ILE A 34 3.86 6.01 -8.00
CA ILE A 34 2.83 7.03 -8.20
C ILE A 34 2.55 7.78 -6.91
N HIS A 35 2.72 7.09 -5.78
CA HIS A 35 2.49 7.70 -4.47
C HIS A 35 3.78 8.27 -3.90
N THR A 36 4.57 8.92 -4.75
CA THR A 36 5.82 9.51 -4.33
C THR A 36 5.64 10.94 -3.86
N GLY A 37 4.66 11.63 -4.46
CA GLY A 37 4.38 13.01 -4.09
C GLY A 37 3.11 13.15 -3.30
N GLU A 38 3.21 13.73 -2.10
CA GLU A 38 2.04 13.92 -1.25
C GLU A 38 2.23 15.14 -0.35
N LYS A 39 1.19 15.97 -0.25
CA LYS A 39 1.24 17.17 0.57
C LYS A 39 -0.18 17.66 0.90
N PRO A 40 -0.88 16.89 1.76
CA PRO A 40 -2.24 17.23 2.17
C PRO A 40 -2.29 18.46 3.07
N SER A 41 -3.47 19.07 3.17
CA SER A 41 -3.65 20.25 4.01
C SER A 41 -3.98 19.87 5.45
N GLY A 42 -3.69 20.76 6.39
CA GLY A 42 -3.97 20.50 7.78
C GLY A 42 -5.45 20.57 8.11
N PRO A 43 -5.99 21.79 8.10
CA PRO A 43 -7.41 22.03 8.40
C PRO A 43 -8.32 21.51 7.29
N SER A 44 -9.63 21.70 7.48
CA SER A 44 -10.61 21.24 6.49
C SER A 44 -10.45 19.75 6.22
N SER A 45 -10.31 18.97 7.29
CA SER A 45 -10.15 17.53 7.17
C SER A 45 -11.18 16.79 8.02
N GLY A 46 -12.41 16.76 7.55
CA GLY A 46 -13.48 16.08 8.28
C GLY A 46 -14.37 17.06 9.03
N GLY A 1 -29.53 -7.17 9.97
CA GLY A 1 -28.88 -8.38 10.47
C GLY A 1 -27.38 -8.21 10.59
N SER A 2 -26.64 -8.80 9.65
CA SER A 2 -25.18 -8.72 9.66
C SER A 2 -24.70 -7.61 8.73
N SER A 3 -23.51 -7.08 9.03
CA SER A 3 -22.94 -6.00 8.23
C SER A 3 -21.89 -6.56 7.27
N GLY A 4 -21.58 -5.77 6.24
CA GLY A 4 -20.59 -6.20 5.26
C GLY A 4 -19.17 -6.16 5.81
N SER A 5 -18.67 -7.32 6.22
CA SER A 5 -17.33 -7.43 6.76
C SER A 5 -16.42 -8.24 5.84
N SER A 6 -15.75 -7.54 4.92
CA SER A 6 -14.85 -8.19 3.97
C SER A 6 -13.43 -7.66 4.12
N GLY A 7 -12.46 -8.48 3.73
CA GLY A 7 -11.06 -8.07 3.82
C GLY A 7 -10.50 -7.65 2.47
N THR A 8 -11.08 -8.17 1.40
CA THR A 8 -10.62 -7.85 0.06
C THR A 8 -9.11 -8.03 -0.07
N GLY A 9 -8.60 -9.10 0.52
CA GLY A 9 -7.17 -9.37 0.47
C GLY A 9 -6.50 -9.22 1.82
N GLU A 10 -6.12 -10.35 2.41
CA GLU A 10 -5.45 -10.34 3.70
C GLU A 10 -3.96 -10.59 3.57
N LYS A 11 -3.30 -9.79 2.73
CA LYS A 11 -1.87 -9.93 2.50
C LYS A 11 -1.09 -8.88 3.29
N PRO A 12 0.21 -9.15 3.49
CA PRO A 12 1.09 -8.24 4.23
C PRO A 12 1.37 -6.94 3.47
N TYR A 13 1.10 -6.96 2.17
CA TYR A 13 1.32 -5.79 1.33
C TYR A 13 -0.01 -5.22 0.84
N LYS A 14 -0.43 -4.12 1.46
CA LYS A 14 -1.69 -3.47 1.09
C LYS A 14 -1.51 -1.95 1.01
N CYS A 15 -1.84 -1.38 -0.15
CA CYS A 15 -1.72 0.05 -0.35
C CYS A 15 -2.86 0.80 0.34
N ASN A 16 -2.53 1.50 1.43
CA ASN A 16 -3.52 2.25 2.18
C ASN A 16 -3.49 3.73 1.80
N GLU A 17 -3.16 4.00 0.53
CA GLU A 17 -3.09 5.37 0.04
C GLU A 17 -4.08 5.59 -1.10
N CYS A 18 -4.27 4.55 -1.92
CA CYS A 18 -5.18 4.64 -3.06
C CYS A 18 -6.31 3.61 -2.91
N GLY A 19 -6.00 2.48 -2.27
CA GLY A 19 -6.99 1.45 -2.07
C GLY A 19 -6.71 0.22 -2.92
N LYS A 20 -5.68 -0.54 -2.56
CA LYS A 20 -5.32 -1.75 -3.29
C LYS A 20 -4.73 -2.79 -2.35
N ALA A 21 -4.37 -3.94 -2.90
CA ALA A 21 -3.79 -5.02 -2.12
C ALA A 21 -2.94 -5.94 -2.98
N PHE A 22 -1.68 -6.14 -2.59
CA PHE A 22 -0.76 -6.99 -3.34
C PHE A 22 -0.33 -8.18 -2.48
N ARG A 23 0.40 -9.11 -3.11
CA ARG A 23 0.88 -10.29 -2.42
C ARG A 23 2.40 -10.27 -2.29
N ALA A 24 3.05 -9.61 -3.24
CA ALA A 24 4.51 -9.51 -3.23
C ALA A 24 4.97 -8.15 -2.71
N HIS A 25 6.27 -8.02 -2.47
CA HIS A 25 6.83 -6.76 -1.97
C HIS A 25 7.19 -5.83 -3.12
N SER A 26 7.87 -6.37 -4.12
CA SER A 26 8.29 -5.58 -5.27
C SER A 26 7.09 -4.85 -5.89
N ASN A 27 5.96 -5.54 -5.95
CA ASN A 27 4.73 -4.97 -6.51
C ASN A 27 4.37 -3.67 -5.79
N LEU A 28 4.28 -3.74 -4.48
CA LEU A 28 3.94 -2.57 -3.68
C LEU A 28 4.93 -1.43 -3.90
N THR A 29 6.20 -1.72 -3.67
CA THR A 29 7.26 -0.72 -3.85
C THR A 29 7.18 -0.09 -5.24
N THR A 30 7.17 -0.93 -6.27
CA THR A 30 7.09 -0.45 -7.64
C THR A 30 5.81 0.34 -7.89
N HIS A 31 4.79 0.06 -7.08
CA HIS A 31 3.51 0.75 -7.21
C HIS A 31 3.53 2.07 -6.44
N GLN A 32 4.41 2.16 -5.45
CA GLN A 32 4.52 3.37 -4.65
C GLN A 32 5.10 4.52 -5.47
N VAL A 33 5.62 4.19 -6.65
CA VAL A 33 6.20 5.19 -7.53
C VAL A 33 5.24 6.36 -7.76
N ILE A 34 4.06 6.05 -8.30
CA ILE A 34 3.06 7.08 -8.56
C ILE A 34 2.79 7.92 -7.31
N HIS A 35 2.96 7.31 -6.14
CA HIS A 35 2.75 8.00 -4.88
C HIS A 35 3.94 8.88 -4.53
N THR A 36 5.02 8.25 -4.10
CA THR A 36 6.23 8.99 -3.73
C THR A 36 6.73 9.84 -4.89
N GLY A 37 7.73 10.68 -4.62
CA GLY A 37 8.28 11.54 -5.64
C GLY A 37 8.39 12.99 -5.19
N GLU A 38 8.71 13.18 -3.91
CA GLU A 38 8.84 14.52 -3.36
C GLU A 38 10.28 15.00 -3.42
N LYS A 39 10.53 16.20 -2.92
CA LYS A 39 11.87 16.77 -2.91
C LYS A 39 11.99 17.87 -1.86
N PRO A 40 11.94 17.48 -0.57
CA PRO A 40 12.05 18.41 0.55
C PRO A 40 13.45 19.00 0.68
N SER A 41 13.66 19.77 1.74
CA SER A 41 14.95 20.39 1.99
C SER A 41 15.41 20.15 3.42
N GLY A 42 16.70 19.86 3.59
CA GLY A 42 17.25 19.61 4.91
C GLY A 42 18.07 18.35 4.97
N PRO A 43 18.58 18.02 6.17
CA PRO A 43 19.39 16.82 6.38
C PRO A 43 18.58 15.54 6.27
N SER A 44 19.26 14.40 6.32
CA SER A 44 18.61 13.10 6.23
C SER A 44 18.41 12.49 7.62
N SER A 45 17.42 12.99 8.35
CA SER A 45 17.14 12.50 9.69
C SER A 45 16.04 11.45 9.66
N GLY A 46 16.30 10.34 8.97
CA GLY A 46 15.32 9.27 8.88
C GLY A 46 15.28 8.64 7.50
N GLY A 1 10.61 -13.95 9.71
CA GLY A 1 11.58 -13.85 8.64
C GLY A 1 11.04 -14.35 7.31
N SER A 2 10.44 -15.54 7.34
CA SER A 2 9.89 -16.14 6.13
C SER A 2 8.63 -16.96 6.45
N SER A 3 7.76 -17.11 5.46
CA SER A 3 6.53 -17.87 5.64
C SER A 3 6.82 -19.30 6.08
N GLY A 4 6.61 -19.57 7.36
CA GLY A 4 6.87 -20.90 7.87
C GLY A 4 5.92 -21.94 7.30
N SER A 5 5.87 -23.10 7.94
CA SER A 5 5.00 -24.18 7.48
C SER A 5 3.54 -23.73 7.44
N SER A 6 3.20 -22.80 8.32
CA SER A 6 1.84 -22.27 8.39
C SER A 6 1.84 -20.75 8.47
N GLY A 7 0.72 -20.14 8.07
CA GLY A 7 0.61 -18.70 8.10
C GLY A 7 -0.69 -18.20 7.53
N THR A 8 -1.27 -17.19 8.17
CA THR A 8 -2.54 -16.63 7.72
C THR A 8 -2.35 -15.23 7.15
N GLY A 9 -1.85 -15.16 5.93
CA GLY A 9 -1.62 -13.88 5.27
C GLY A 9 -1.02 -14.03 3.89
N GLU A 10 -1.88 -14.06 2.87
CA GLU A 10 -1.41 -14.20 1.50
C GLU A 10 -1.07 -12.84 0.90
N LYS A 11 -1.72 -11.79 1.41
CA LYS A 11 -1.50 -10.44 0.92
C LYS A 11 -1.27 -9.48 2.09
N PRO A 12 -0.11 -9.61 2.75
CA PRO A 12 0.25 -8.75 3.89
C PRO A 12 0.53 -7.31 3.47
N TYR A 13 0.87 -7.12 2.21
CA TYR A 13 1.16 -5.80 1.68
C TYR A 13 -0.08 -5.17 1.06
N LYS A 14 -0.38 -3.94 1.45
CA LYS A 14 -1.54 -3.22 0.92
C LYS A 14 -1.25 -1.73 0.79
N CYS A 15 -1.68 -1.14 -0.33
CA CYS A 15 -1.46 0.27 -0.58
C CYS A 15 -2.42 1.13 0.25
N ASN A 16 -1.87 1.88 1.18
CA ASN A 16 -2.67 2.74 2.04
C ASN A 16 -2.72 4.17 1.50
N GLU A 17 -2.73 4.29 0.18
CA GLU A 17 -2.77 5.60 -0.47
C GLU A 17 -3.93 5.69 -1.46
N CYS A 18 -4.13 4.62 -2.22
CA CYS A 18 -5.20 4.57 -3.20
C CYS A 18 -6.23 3.52 -2.83
N GLY A 19 -5.79 2.49 -2.11
CA GLY A 19 -6.69 1.43 -1.70
C GLY A 19 -6.54 0.18 -2.54
N LYS A 20 -5.46 -0.56 -2.31
CA LYS A 20 -5.21 -1.79 -3.05
C LYS A 20 -4.51 -2.83 -2.18
N ALA A 21 -4.32 -4.02 -2.73
CA ALA A 21 -3.67 -5.11 -1.99
C ALA A 21 -2.87 -6.00 -2.93
N PHE A 22 -1.58 -6.14 -2.65
CA PHE A 22 -0.71 -6.97 -3.47
C PHE A 22 -0.26 -8.21 -2.70
N ARG A 23 0.48 -9.08 -3.38
CA ARG A 23 0.97 -10.31 -2.77
C ARG A 23 2.47 -10.22 -2.50
N ALA A 24 3.22 -9.74 -3.48
CA ALA A 24 4.66 -9.60 -3.35
C ALA A 24 5.04 -8.20 -2.90
N HIS A 25 6.18 -8.08 -2.22
CA HIS A 25 6.65 -6.79 -1.74
C HIS A 25 7.15 -5.92 -2.89
N SER A 26 7.88 -6.54 -3.82
CA SER A 26 8.41 -5.82 -4.97
C SER A 26 7.29 -5.10 -5.73
N ASN A 27 6.09 -5.67 -5.68
CA ASN A 27 4.95 -5.08 -6.37
C ASN A 27 4.52 -3.78 -5.68
N LEU A 28 4.36 -3.84 -4.36
CA LEU A 28 3.95 -2.66 -3.60
C LEU A 28 4.92 -1.50 -3.81
N THR A 29 6.22 -1.80 -3.70
CA THR A 29 7.25 -0.78 -3.89
C THR A 29 7.19 -0.18 -5.28
N THR A 30 6.96 -1.03 -6.28
CA THR A 30 6.88 -0.57 -7.66
C THR A 30 5.61 0.24 -7.90
N HIS A 31 4.60 0.00 -7.08
CA HIS A 31 3.33 0.72 -7.20
C HIS A 31 3.37 2.02 -6.40
N GLN A 32 4.26 2.08 -5.41
CA GLN A 32 4.39 3.26 -4.57
C GLN A 32 4.95 4.43 -5.36
N VAL A 33 5.47 4.14 -6.56
CA VAL A 33 6.03 5.16 -7.41
C VAL A 33 5.07 6.33 -7.60
N ILE A 34 3.90 6.04 -8.18
CA ILE A 34 2.89 7.07 -8.41
C ILE A 34 2.59 7.83 -7.12
N HIS A 35 2.73 7.16 -5.98
CA HIS A 35 2.48 7.78 -4.69
C HIS A 35 3.78 8.35 -4.09
N THR A 36 4.58 8.98 -4.94
CA THR A 36 5.84 9.56 -4.51
C THR A 36 5.61 10.90 -3.80
N GLY A 37 6.65 11.41 -3.15
CA GLY A 37 6.54 12.67 -2.45
C GLY A 37 5.54 12.62 -1.31
N GLU A 38 5.94 12.00 -0.21
CA GLU A 38 5.06 11.88 0.96
C GLU A 38 5.32 13.02 1.95
N LYS A 39 6.60 13.32 2.17
CA LYS A 39 6.99 14.39 3.09
C LYS A 39 8.30 15.02 2.67
N PRO A 40 8.54 16.26 3.13
CA PRO A 40 9.76 17.00 2.81
C PRO A 40 10.98 16.41 3.50
N SER A 41 12.09 16.36 2.78
CA SER A 41 13.34 15.82 3.33
C SER A 41 14.41 16.90 3.43
N GLY A 42 15.07 16.97 4.58
CA GLY A 42 16.11 17.97 4.78
C GLY A 42 17.38 17.64 4.01
N PRO A 43 18.10 16.61 4.48
CA PRO A 43 19.35 16.18 3.85
C PRO A 43 19.12 15.54 2.48
N SER A 44 19.95 15.92 1.51
CA SER A 44 19.83 15.38 0.16
C SER A 44 20.24 13.91 0.12
N SER A 45 21.19 13.54 0.98
CA SER A 45 21.67 12.16 1.03
C SER A 45 21.34 11.53 2.39
N GLY A 46 20.49 10.52 2.36
CA GLY A 46 20.10 9.84 3.59
C GLY A 46 18.61 9.65 3.71
#